data_8UTD
#
_entry.id   8UTD
#
_cell.length_a   1.00
_cell.length_b   1.00
_cell.length_c   1.00
_cell.angle_alpha   90.00
_cell.angle_beta   90.00
_cell.angle_gamma   90.00
#
_symmetry.space_group_name_H-M   'P 1'
#
loop_
_entity.id
_entity.type
_entity.pdbx_description
1 polymer 'Hydroxycarboxylic acid receptor 2'
2 polymer scFv16
3 polymer 'Guanine nucleotide-binding protein G(i) subunit alpha-1'
4 polymer 'Guanine nucleotide-binding protein G(I)/G(S)/G(T) subunit beta-1'
5 polymer 'Guanine nucleotide-binding protein G(I)/G(S)/G(O) subunit gamma-2'
6 non-polymer '(4aR,5aR)-4,4a,5,5a-tetrahydro-1H-cyclopropa[4,5]cyclopenta[1,2-c]pyrazole-3-carboxylic acid'
#
loop_
_entity_poly.entity_id
_entity_poly.type
_entity_poly.pdbx_seq_one_letter_code
_entity_poly.pdbx_strand_id
1 'polypeptide(L)'
;QGGTTMNRHHLQDHFLEIDKKNCCVFRDDFIVKVLPPVLGLEFIFGLLGNGLALWIFCFHLKSWKSSRIFLFNLAVADFL
LIICLPFLMDNYVRRWDWKFGDIPCRLMLFMLAMNRQGSIIFLTVVAVARYFRVVHPHHALNKISNRTAAIISCLLWGIT
IGLTVHLLKKKMPIQNGGANLCSSFSICHTFQWHEAMFLLEFFLPLGIILFCSARIIWSLRQRQMDRHAKIKRAITFIMV
VAIVFVICFLPSVVVRIRIFWLLHTSGTQNCEVYRSVDLAFFITLSFTYMNSMLDPVVYYFSSPSFPNFFSTLINRCLQR
KMTGEPDNNRSTSVELTGDPNKTRGAPEALMANSGEPWSPSYLGPTSP
;
R
2 'polypeptide(L)'
;DVQLVESGGGLVQPGGSRKLSCSASGFAFSSFGMHWVRQAPEKGLEWVAYISSGSGTIYYADTVKGRFTISRDDPKNTLF
LQMTSLRSEDTAMYYCVRSIYYYGSSPFDFWGQGTTLTVSSGGGGSGGGGSGGGGSDIVMTQATSSVPVTPGESVSISCR
SSKSLLHSNGNTYLYWFLQRPGQSPQLLIYRMSNLASGVPDRFSGSGSGTAFTLTISRLEAEDVGVYYCMQHLEYPLTFG
AGTKLELKAAALEVLFQGPHHHHHHHH
;
D
3 'polypeptide(L)'
;MGCTLSAEDKAAVERSKMIDRNLREDGEKAAREVKLLLLGAGESGKSTIVKQMKIIHEAGYSEEECKQYKAVVYSNTIQS
IIAIIRAMGRLKIDFGDSARADDARQLFVLAGAAEEGFMTAELAGVIKRLWKDSGVQACFNRSREYQLNDSAAYYLNDLD
RIAQPNYIPTQQDVLRTRVKTTGIVETHFTFKDLHFKMFDVGAQRSERKKWIHCFEGVTAIIFCVALSDYDLVLAEDEEM
NRMHESMKLFDSICNNKWFTDTSIILFLNKKDLFEEKIKKSPLTICYPEYAGSNTYEEAAAYIQCQFEDLNKRKDTKEIY
THFTCSTDTKNVQFVFDAVTDVIIKNNLKDCGLF
;
A
4 'polypeptide(L)'
;MHHHHHHLEVLFQGPGSSGSELDQLRQEAEQLKNQIRDARKACADATLSQITNNIDPVGRIQMRTRRTLRGHLAKIYAMH
WGTDSRLLVSASQDGKLIIWDSYTTNKVHAIPLRSSWVMTCAYAPSGNYVACGGLDNICSIYNLKTREGNVRVSRELAGH
TGYLSCCRFLDDNQIVTSSGDTTCALWDIETGQQTTTFTGHTGDVMSLSLAPDTRLFVSGACDASAKLWDVREGMCRQTF
TGHESDINAICFFPNGNAFATGSDDATCRLFDLRADQELMTYSHDNIICGITSVSFSKSGRLLLAGYDDFNCNVWDALKA
DRAGVLAGHDNRVSCLGVTDDGMAVATGSWDSFLKIWN
;
B
5 'polypeptide(L)' MASNNTASIAQARKLVEQLKMEANIDRIKVSKAAADLMAYCEAHAKEDPLLTPVPASENPFREKKFFCAIL C
#
# COMPACT_ATOMS: atom_id res chain seq x y z
N GLN A 12 -62.18 -41.13 -4.77
CA GLN A 12 -62.98 -40.19 -3.98
C GLN A 12 -62.42 -40.05 -2.58
N ASP A 13 -61.68 -41.06 -2.13
CA ASP A 13 -61.10 -41.02 -0.80
C ASP A 13 -60.10 -39.89 -0.65
N HIS A 14 -59.23 -39.72 -1.65
CA HIS A 14 -58.15 -38.72 -1.60
C HIS A 14 -57.36 -38.86 -0.30
N PHE A 15 -57.17 -40.09 0.15
CA PHE A 15 -56.76 -40.37 1.52
C PHE A 15 -55.43 -41.11 1.54
N LEU A 16 -54.46 -40.63 0.77
CA LEU A 16 -53.12 -41.19 0.87
C LEU A 16 -52.58 -40.98 2.28
N GLU A 17 -52.44 -42.08 3.02
CA GLU A 17 -52.06 -42.05 4.43
C GLU A 17 -50.69 -42.68 4.57
N ILE A 18 -49.74 -41.94 5.16
CA ILE A 18 -48.36 -42.42 5.26
C ILE A 18 -47.79 -42.02 6.62
N ASP A 19 -47.06 -42.96 7.23
CA ASP A 19 -46.22 -42.69 8.40
C ASP A 19 -47.01 -42.10 9.57
N LYS A 20 -48.18 -42.68 9.84
CA LYS A 20 -49.09 -42.19 10.88
C LYS A 20 -49.42 -40.71 10.65
N LYS A 21 -49.67 -40.38 9.38
CA LYS A 21 -50.15 -39.07 8.99
C LYS A 21 -51.22 -39.25 7.93
N ASN A 22 -52.40 -38.70 8.18
CA ASN A 22 -53.51 -38.73 7.24
C ASN A 22 -53.47 -37.44 6.42
N CYS A 23 -53.19 -37.58 5.13
CA CYS A 23 -52.91 -36.44 4.28
C CYS A 23 -53.75 -36.51 3.01
N CYS A 24 -54.09 -35.34 2.48
CA CYS A 24 -54.87 -35.21 1.26
C CYS A 24 -53.97 -34.67 0.16
N VAL A 25 -53.92 -35.39 -0.96
CA VAL A 25 -53.14 -34.98 -2.13
C VAL A 25 -54.10 -34.86 -3.30
N PHE A 26 -54.14 -33.68 -3.92
CA PHE A 26 -55.14 -33.35 -4.92
C PHE A 26 -54.47 -33.22 -6.29
N ARG A 27 -55.18 -33.68 -7.32
CA ARG A 27 -54.71 -33.62 -8.70
C ARG A 27 -55.76 -32.86 -9.50
N ASP A 28 -55.62 -31.54 -9.56
CA ASP A 28 -56.57 -30.68 -10.25
C ASP A 28 -56.02 -30.25 -11.60
N ASP A 29 -56.93 -29.92 -12.51
CA ASP A 29 -56.54 -29.52 -13.86
C ASP A 29 -55.92 -28.14 -13.89
N PHE A 30 -56.39 -27.23 -13.03
CA PHE A 30 -55.93 -25.85 -13.10
C PHE A 30 -54.45 -25.72 -12.76
N ILE A 31 -53.91 -26.64 -11.97
CA ILE A 31 -52.48 -26.58 -11.64
C ILE A 31 -51.64 -26.71 -12.90
N VAL A 32 -51.91 -27.75 -13.69
CA VAL A 32 -51.20 -27.92 -14.94
C VAL A 32 -51.58 -26.81 -15.92
N LYS A 33 -52.81 -26.29 -15.80
CA LYS A 33 -53.24 -25.23 -16.71
C LYS A 33 -52.44 -23.94 -16.52
N VAL A 34 -52.13 -23.59 -15.27
CA VAL A 34 -51.61 -22.27 -14.97
C VAL A 34 -50.12 -22.26 -14.65
N LEU A 35 -49.57 -23.32 -14.04
CA LEU A 35 -48.23 -23.17 -13.47
C LEU A 35 -47.07 -23.25 -14.48
N PRO A 36 -47.06 -24.19 -15.43
CA PRO A 36 -45.89 -24.33 -16.32
C PRO A 36 -45.53 -23.05 -17.08
N PRO A 37 -46.50 -22.28 -17.58
CA PRO A 37 -46.10 -21.05 -18.32
C PRO A 37 -45.39 -20.03 -17.44
N VAL A 38 -45.93 -19.74 -16.27
CA VAL A 38 -45.27 -18.79 -15.37
C VAL A 38 -43.94 -19.34 -14.91
N LEU A 39 -43.85 -20.66 -14.72
CA LEU A 39 -42.57 -21.25 -14.34
C LEU A 39 -41.52 -21.06 -15.43
N GLY A 40 -41.91 -21.23 -16.69
CA GLY A 40 -40.98 -21.02 -17.78
C GLY A 40 -40.56 -19.57 -17.91
N LEU A 41 -41.51 -18.64 -17.76
CA LEU A 41 -41.16 -17.22 -17.80
C LEU A 41 -40.17 -16.86 -16.70
N GLU A 42 -40.44 -17.34 -15.48
CA GLU A 42 -39.52 -17.10 -14.37
C GLU A 42 -38.15 -17.71 -14.65
N PHE A 43 -38.12 -18.92 -15.19
CA PHE A 43 -36.86 -19.56 -15.53
C PHE A 43 -36.05 -18.69 -16.49
N ILE A 44 -36.67 -18.25 -17.58
CA ILE A 44 -35.95 -17.46 -18.58
C ILE A 44 -35.42 -16.17 -17.97
N PHE A 45 -36.31 -15.42 -17.29
CA PHE A 45 -35.92 -14.12 -16.77
C PHE A 45 -34.83 -14.26 -15.71
N GLY A 46 -35.01 -15.23 -14.83
CA GLY A 46 -34.06 -15.39 -13.72
C GLY A 46 -32.67 -15.75 -14.22
N LEU A 47 -32.55 -16.76 -15.08
CA LEU A 47 -31.18 -17.21 -15.42
C LEU A 47 -30.39 -16.12 -16.13
N LEU A 48 -30.97 -15.42 -17.11
CA LEU A 48 -30.09 -14.42 -17.78
C LEU A 48 -29.69 -13.32 -16.79
N GLY A 49 -30.66 -12.82 -16.02
CA GLY A 49 -30.33 -11.69 -15.14
C GLY A 49 -29.35 -12.09 -14.07
N ASN A 50 -29.57 -13.24 -13.45
CA ASN A 50 -28.68 -13.62 -12.32
C ASN A 50 -27.27 -13.83 -12.86
N GLY A 51 -27.16 -14.48 -14.02
CA GLY A 51 -25.85 -14.75 -14.61
C GLY A 51 -25.17 -13.44 -14.94
N LEU A 52 -25.92 -12.48 -15.47
CA LEU A 52 -25.28 -11.23 -15.92
C LEU A 52 -24.64 -10.59 -14.69
N ALA A 53 -25.34 -10.62 -13.56
CA ALA A 53 -24.74 -10.08 -12.33
C ALA A 53 -23.50 -10.92 -11.99
N LEU A 54 -23.62 -12.25 -12.11
CA LEU A 54 -22.48 -13.12 -11.72
C LEU A 54 -21.30 -12.81 -12.66
N TRP A 55 -21.59 -12.61 -13.94
CA TRP A 55 -20.53 -12.27 -14.93
C TRP A 55 -20.01 -10.87 -14.59
N ILE A 56 -20.90 -9.88 -14.59
CA ILE A 56 -20.44 -8.56 -14.18
C ILE A 56 -19.61 -8.64 -12.91
N PHE A 57 -20.08 -9.41 -11.92
CA PHE A 57 -19.33 -9.54 -10.68
C PHE A 57 -17.97 -10.17 -10.90
N CYS A 58 -17.90 -11.20 -11.74
CA CYS A 58 -16.65 -11.93 -11.92
C CYS A 58 -15.63 -11.13 -12.71
N PHE A 59 -16.05 -10.53 -13.83
CA PHE A 59 -15.10 -9.96 -14.78
C PHE A 59 -15.19 -8.45 -14.95
N HIS A 60 -15.99 -7.75 -14.15
CA HIS A 60 -16.11 -6.31 -14.29
C HIS A 60 -15.95 -5.55 -12.98
N LEU A 61 -15.44 -6.20 -11.93
CA LEU A 61 -15.20 -5.55 -10.64
C LEU A 61 -13.70 -5.54 -10.37
N LYS A 62 -13.14 -4.34 -10.24
CA LYS A 62 -11.72 -4.20 -9.96
C LYS A 62 -11.39 -4.56 -8.52
N SER A 63 -12.21 -4.12 -7.58
CA SER A 63 -12.01 -4.38 -6.16
C SER A 63 -13.26 -5.00 -5.57
N TRP A 64 -13.07 -5.77 -4.49
CA TRP A 64 -14.16 -6.49 -3.84
C TRP A 64 -14.29 -5.99 -2.41
N LYS A 65 -15.32 -5.18 -2.16
CA LYS A 65 -15.66 -4.72 -0.83
C LYS A 65 -16.63 -5.70 -0.17
N SER A 66 -17.04 -5.39 1.06
CA SER A 66 -17.89 -6.31 1.81
C SER A 66 -19.29 -6.41 1.20
N SER A 67 -19.87 -5.27 0.82
CA SER A 67 -21.23 -5.26 0.30
C SER A 67 -21.34 -6.05 -1.00
N ARG A 68 -20.33 -5.90 -1.86
CA ARG A 68 -20.30 -6.66 -3.14
C ARG A 68 -20.31 -8.16 -2.83
N ILE A 69 -19.48 -8.61 -1.89
CA ILE A 69 -19.46 -10.02 -1.52
C ILE A 69 -20.82 -10.47 -1.01
N PHE A 70 -21.44 -9.66 -0.16
CA PHE A 70 -22.73 -10.03 0.41
C PHE A 70 -23.81 -10.13 -0.66
N LEU A 71 -23.76 -9.27 -1.68
CA LEU A 71 -24.69 -9.38 -2.79
C LEU A 71 -24.34 -10.55 -3.72
N PHE A 72 -23.04 -10.85 -3.86
CA PHE A 72 -22.61 -11.97 -4.68
C PHE A 72 -23.14 -13.29 -4.14
N ASN A 73 -23.18 -13.42 -2.81
CA ASN A 73 -23.72 -14.64 -2.22
C ASN A 73 -25.19 -14.83 -2.58
N LEU A 74 -25.99 -13.76 -2.50
CA LEU A 74 -27.39 -13.85 -2.89
C LEU A 74 -27.53 -14.18 -4.37
N ALA A 75 -26.66 -13.60 -5.21
CA ALA A 75 -26.67 -13.93 -6.62
C ALA A 75 -26.41 -15.41 -6.85
N VAL A 76 -25.46 -15.98 -6.09
CA VAL A 76 -25.15 -17.41 -6.21
C VAL A 76 -26.36 -18.26 -5.83
N ALA A 77 -27.02 -17.90 -4.72
CA ALA A 77 -28.19 -18.66 -4.30
C ALA A 77 -29.30 -18.61 -5.36
N ASP A 78 -29.54 -17.41 -5.92
CA ASP A 78 -30.55 -17.30 -6.97
C ASP A 78 -30.18 -18.11 -8.19
N PHE A 79 -28.89 -18.11 -8.54
CA PHE A 79 -28.43 -18.91 -9.67
C PHE A 79 -28.69 -20.39 -9.44
N LEU A 80 -28.45 -20.86 -8.22
CA LEU A 80 -28.76 -22.25 -7.90
C LEU A 80 -30.25 -22.53 -8.07
N LEU A 81 -31.11 -21.59 -7.64
CA LEU A 81 -32.55 -21.81 -7.78
C LEU A 81 -32.95 -21.94 -9.25
N ILE A 82 -32.48 -21.02 -10.09
CA ILE A 82 -32.85 -21.10 -11.50
C ILE A 82 -32.24 -22.32 -12.16
N ILE A 83 -31.10 -22.80 -11.65
CA ILE A 83 -30.52 -24.04 -12.16
C ILE A 83 -31.42 -25.23 -11.82
N CYS A 84 -32.00 -25.22 -10.62
CA CYS A 84 -32.72 -26.38 -10.11
C CYS A 84 -34.22 -26.37 -10.38
N LEU A 85 -34.77 -25.30 -10.95
CA LEU A 85 -36.22 -25.34 -11.23
C LEU A 85 -36.67 -26.29 -12.35
N PRO A 86 -35.87 -26.56 -13.41
CA PRO A 86 -36.44 -27.31 -14.55
C PRO A 86 -36.98 -28.68 -14.20
N PHE A 87 -36.39 -29.36 -13.22
CA PHE A 87 -36.99 -30.60 -12.74
C PHE A 87 -38.38 -30.35 -12.19
N LEU A 88 -38.55 -29.24 -11.45
CA LEU A 88 -39.85 -28.90 -10.91
C LEU A 88 -40.87 -28.62 -12.01
N MET A 89 -40.47 -27.89 -13.05
CA MET A 89 -41.45 -27.59 -14.11
C MET A 89 -41.79 -28.85 -14.89
N ASP A 90 -40.81 -29.73 -15.11
CA ASP A 90 -41.11 -31.01 -15.76
C ASP A 90 -42.09 -31.83 -14.93
N ASN A 91 -41.90 -31.85 -13.60
CA ASN A 91 -42.84 -32.54 -12.73
C ASN A 91 -44.23 -31.94 -12.83
N TYR A 92 -44.32 -30.61 -12.83
CA TYR A 92 -45.62 -29.96 -12.92
C TYR A 92 -46.29 -30.19 -14.27
N VAL A 93 -45.51 -30.47 -15.31
CA VAL A 93 -46.09 -30.76 -16.61
C VAL A 93 -46.89 -32.05 -16.57
N ARG A 94 -46.36 -33.09 -15.92
CA ARG A 94 -46.93 -34.42 -15.99
C ARG A 94 -48.01 -34.68 -14.95
N ARG A 95 -48.56 -33.62 -14.34
CA ARG A 95 -49.64 -33.75 -13.36
C ARG A 95 -49.25 -34.67 -12.21
N TRP A 96 -48.12 -34.33 -11.56
CA TRP A 96 -47.56 -35.12 -10.47
C TRP A 96 -47.25 -36.55 -10.92
N ASP A 97 -46.32 -36.66 -11.88
CA ASP A 97 -45.83 -37.95 -12.36
C ASP A 97 -44.31 -37.87 -12.44
N TRP A 98 -43.65 -38.19 -11.34
CA TRP A 98 -42.20 -38.13 -11.26
C TRP A 98 -41.57 -39.27 -12.04
N LYS A 99 -40.44 -38.98 -12.70
CA LYS A 99 -39.69 -39.98 -13.43
C LYS A 99 -38.19 -39.93 -13.21
N PHE A 100 -37.67 -38.84 -12.62
CA PHE A 100 -36.22 -38.70 -12.51
C PHE A 100 -35.63 -39.62 -11.45
N GLY A 101 -36.38 -39.93 -10.40
CA GLY A 101 -35.93 -40.87 -9.39
C GLY A 101 -35.85 -40.25 -8.01
N ASP A 102 -35.55 -41.12 -7.05
CA ASP A 102 -35.50 -40.72 -5.65
C ASP A 102 -34.37 -39.71 -5.41
N ILE A 103 -33.20 -39.95 -6.00
CA ILE A 103 -32.08 -39.02 -5.84
C ILE A 103 -32.42 -37.64 -6.40
N PRO A 104 -32.95 -37.49 -7.62
CA PRO A 104 -33.37 -36.16 -8.07
C PRO A 104 -34.49 -35.57 -7.24
N CYS A 105 -35.41 -36.38 -6.71
CA CYS A 105 -36.46 -35.85 -5.85
C CYS A 105 -35.86 -35.19 -4.61
N ARG A 106 -34.98 -35.92 -3.92
CA ARG A 106 -34.35 -35.36 -2.73
C ARG A 106 -33.50 -34.14 -3.08
N LEU A 107 -32.78 -34.20 -4.20
CA LEU A 107 -31.96 -33.06 -4.61
C LEU A 107 -32.82 -31.83 -4.85
N MET A 108 -33.96 -32.01 -5.53
CA MET A 108 -34.84 -30.87 -5.80
C MET A 108 -35.37 -30.27 -4.50
N LEU A 109 -35.81 -31.12 -3.57
CA LEU A 109 -36.31 -30.60 -2.29
C LEU A 109 -35.24 -29.79 -1.57
N PHE A 110 -34.03 -30.37 -1.46
CA PHE A 110 -32.97 -29.70 -0.72
C PHE A 110 -32.54 -28.40 -1.40
N MET A 111 -32.44 -28.42 -2.74
CA MET A 111 -32.06 -27.21 -3.46
C MET A 111 -33.09 -26.10 -3.27
N LEU A 112 -34.38 -26.43 -3.35
CA LEU A 112 -35.41 -25.41 -3.16
C LEU A 112 -35.34 -24.81 -1.76
N ALA A 113 -35.27 -25.65 -0.73
CA ALA A 113 -35.22 -25.14 0.63
C ALA A 113 -33.97 -24.29 0.85
N MET A 114 -32.83 -24.74 0.31
CA MET A 114 -31.59 -24.01 0.48
C MET A 114 -31.65 -22.65 -0.19
N ASN A 115 -32.15 -22.61 -1.42
CA ASN A 115 -32.32 -21.34 -2.12
C ASN A 115 -33.14 -20.36 -1.29
N ARG A 116 -34.32 -20.81 -0.82
CA ARG A 116 -35.21 -19.89 -0.12
C ARG A 116 -34.53 -19.36 1.15
N GLN A 117 -33.97 -20.26 1.95
CA GLN A 117 -33.36 -19.84 3.21
C GLN A 117 -32.19 -18.89 2.98
N GLY A 118 -31.33 -19.23 2.02
CA GLY A 118 -30.17 -18.38 1.76
C GLY A 118 -30.55 -17.01 1.23
N SER A 119 -31.53 -16.96 0.32
CA SER A 119 -31.97 -15.68 -0.20
C SER A 119 -32.50 -14.78 0.92
N ILE A 120 -33.34 -15.33 1.78
CA ILE A 120 -33.88 -14.51 2.87
C ILE A 120 -32.78 -14.06 3.82
N ILE A 121 -31.85 -14.97 4.16
CA ILE A 121 -30.80 -14.63 5.10
C ILE A 121 -29.92 -13.52 4.55
N PHE A 122 -29.59 -13.57 3.26
CA PHE A 122 -28.71 -12.56 2.70
C PHE A 122 -29.43 -11.23 2.49
N LEU A 123 -30.74 -11.24 2.21
CA LEU A 123 -31.50 -9.99 2.23
C LEU A 123 -31.41 -9.35 3.61
N THR A 124 -31.60 -10.14 4.66
CA THR A 124 -31.52 -9.61 6.02
C THR A 124 -30.14 -9.05 6.32
N VAL A 125 -29.09 -9.75 5.87
CA VAL A 125 -27.72 -9.29 6.11
C VAL A 125 -27.48 -7.94 5.43
N VAL A 126 -27.93 -7.81 4.18
CA VAL A 126 -27.78 -6.53 3.48
C VAL A 126 -28.52 -5.42 4.23
N ALA A 127 -29.73 -5.71 4.70
CA ALA A 127 -30.50 -4.69 5.41
C ALA A 127 -29.79 -4.24 6.69
N VAL A 128 -29.24 -5.19 7.45
CA VAL A 128 -28.56 -4.83 8.69
C VAL A 128 -27.30 -4.03 8.40
N ALA A 129 -26.58 -4.40 7.34
CA ALA A 129 -25.39 -3.64 6.96
C ALA A 129 -25.74 -2.21 6.60
N ARG A 130 -26.83 -2.02 5.84
CA ARG A 130 -27.25 -0.67 5.50
C ARG A 130 -27.64 0.12 6.74
N TYR A 131 -28.32 -0.52 7.68
CA TYR A 131 -28.68 0.17 8.93
C TYR A 131 -27.44 0.62 9.67
N PHE A 132 -26.43 -0.26 9.79
CA PHE A 132 -25.22 0.12 10.50
C PHE A 132 -24.43 1.19 9.76
N ARG A 133 -24.60 1.29 8.44
CA ARG A 133 -23.95 2.37 7.71
C ARG A 133 -24.66 3.71 7.89
N VAL A 134 -25.99 3.70 7.97
CA VAL A 134 -26.72 4.96 7.95
C VAL A 134 -26.94 5.52 9.35
N VAL A 135 -27.07 4.67 10.36
CA VAL A 135 -27.52 5.13 11.67
C VAL A 135 -26.36 5.21 12.65
N HIS A 136 -25.31 4.41 12.42
CA HIS A 136 -24.10 4.42 13.24
C HIS A 136 -22.91 4.63 12.31
N PRO A 137 -22.71 5.86 11.81
CA PRO A 137 -21.77 6.07 10.71
C PRO A 137 -20.33 5.81 11.08
N HIS A 138 -19.97 5.85 12.35
CA HIS A 138 -18.57 5.73 12.77
C HIS A 138 -18.21 4.35 13.26
N HIS A 139 -19.15 3.41 13.31
CA HIS A 139 -18.83 2.08 13.82
C HIS A 139 -17.85 1.37 12.89
N ALA A 140 -16.97 0.57 13.48
CA ALA A 140 -15.94 -0.12 12.72
C ALA A 140 -16.50 -1.22 11.82
N LEU A 141 -17.77 -1.59 11.98
CA LEU A 141 -18.32 -2.69 11.21
C LEU A 141 -18.34 -2.39 9.71
N ASN A 142 -18.39 -1.10 9.35
CA ASN A 142 -18.36 -0.73 7.95
C ASN A 142 -16.96 -0.84 7.35
N LYS A 143 -15.94 -0.98 8.18
CA LYS A 143 -14.55 -1.05 7.71
C LYS A 143 -13.94 -2.44 7.88
N ILE A 144 -14.75 -3.47 8.09
CA ILE A 144 -14.20 -4.81 8.26
C ILE A 144 -13.58 -5.28 6.95
N SER A 145 -12.60 -6.18 7.07
CA SER A 145 -11.88 -6.68 5.91
C SER A 145 -12.73 -7.72 5.18
N ASN A 146 -12.29 -8.05 3.96
CA ASN A 146 -12.97 -9.08 3.18
C ASN A 146 -12.87 -10.46 3.82
N ARG A 147 -11.86 -10.68 4.68
CA ARG A 147 -11.75 -11.94 5.38
C ARG A 147 -12.95 -12.16 6.29
N THR A 148 -13.37 -11.11 7.00
CA THR A 148 -14.58 -11.21 7.81
C THR A 148 -15.81 -11.46 6.95
N ALA A 149 -15.86 -10.89 5.75
CA ALA A 149 -16.97 -11.14 4.84
C ALA A 149 -17.03 -12.62 4.46
N ALA A 150 -15.89 -13.19 4.09
CA ALA A 150 -15.85 -14.60 3.74
C ALA A 150 -16.23 -15.48 4.93
N ILE A 151 -15.74 -15.15 6.12
CA ILE A 151 -16.06 -15.94 7.31
C ILE A 151 -17.56 -15.89 7.61
N ILE A 152 -18.16 -14.70 7.52
CA ILE A 152 -19.58 -14.55 7.80
C ILE A 152 -20.40 -15.31 6.76
N SER A 153 -20.02 -15.21 5.49
CA SER A 153 -20.72 -15.94 4.45
C SER A 153 -20.64 -17.44 4.68
N CYS A 154 -19.45 -17.94 5.05
CA CYS A 154 -19.29 -19.37 5.31
C CYS A 154 -20.15 -19.80 6.49
N LEU A 155 -20.18 -19.01 7.56
CA LEU A 155 -20.98 -19.36 8.72
C LEU A 155 -22.47 -19.41 8.37
N LEU A 156 -22.95 -18.43 7.61
CA LEU A 156 -24.37 -18.42 7.24
C LEU A 156 -24.71 -19.59 6.33
N TRP A 157 -23.84 -19.91 5.38
CA TRP A 157 -24.06 -21.08 4.54
C TRP A 157 -24.10 -22.34 5.38
N GLY A 158 -23.19 -22.44 6.36
CA GLY A 158 -23.19 -23.61 7.22
C GLY A 158 -24.46 -23.76 8.01
N ILE A 159 -24.97 -22.67 8.59
CA ILE A 159 -26.16 -22.81 9.41
C ILE A 159 -27.38 -23.15 8.55
N THR A 160 -27.52 -22.52 7.38
CA THR A 160 -28.66 -22.87 6.54
C THR A 160 -28.59 -24.31 6.05
N ILE A 161 -27.40 -24.78 5.65
CA ILE A 161 -27.26 -26.16 5.20
C ILE A 161 -27.57 -27.13 6.33
N GLY A 162 -27.02 -26.88 7.52
CA GLY A 162 -27.28 -27.75 8.64
C GLY A 162 -28.74 -27.78 9.04
N LEU A 163 -29.43 -26.64 8.92
CA LEU A 163 -30.83 -26.60 9.33
C LEU A 163 -31.75 -27.23 8.29
N THR A 164 -31.37 -27.20 7.02
CA THR A 164 -32.22 -27.79 5.98
C THR A 164 -31.81 -29.21 5.60
N VAL A 165 -30.72 -29.75 6.16
CA VAL A 165 -30.27 -31.08 5.80
C VAL A 165 -31.24 -32.18 6.21
N HIS A 166 -32.29 -31.84 6.96
CA HIS A 166 -33.24 -32.84 7.41
C HIS A 166 -33.91 -33.57 6.26
N LEU A 167 -34.10 -32.91 5.13
CA LEU A 167 -34.88 -33.47 4.03
C LEU A 167 -34.08 -34.40 3.12
N LEU A 168 -32.77 -34.49 3.28
CA LEU A 168 -31.97 -35.24 2.33
C LEU A 168 -31.96 -36.74 2.57
N LYS A 169 -32.67 -37.18 3.62
CA LYS A 169 -32.84 -38.63 3.83
C LYS A 169 -34.24 -38.96 3.30
N LYS A 170 -34.64 -38.29 2.22
CA LYS A 170 -36.05 -38.42 1.73
C LYS A 170 -36.38 -39.82 1.21
N LYS A 171 -37.59 -40.30 1.51
CA LYS A 171 -38.09 -41.60 1.00
C LYS A 171 -38.39 -41.44 -0.49
N MET A 172 -38.32 -42.55 -1.24
CA MET A 172 -38.52 -42.50 -2.71
C MET A 172 -39.77 -41.73 -3.13
N PRO A 173 -39.76 -41.09 -4.31
CA PRO A 173 -40.96 -40.44 -4.78
C PRO A 173 -42.11 -41.40 -4.45
N ILE A 174 -43.18 -40.90 -3.83
CA ILE A 174 -44.26 -41.82 -3.34
C ILE A 174 -45.29 -42.03 -4.44
N GLN A 175 -45.81 -43.25 -4.58
CA GLN A 175 -46.71 -43.47 -5.70
C GLN A 175 -48.15 -43.57 -5.20
N ASN A 176 -49.03 -42.77 -5.79
CA ASN A 176 -50.47 -42.89 -5.61
C ASN A 176 -51.05 -43.34 -6.93
N GLY A 177 -51.58 -44.57 -6.96
CA GLY A 177 -51.93 -45.17 -8.23
C GLY A 177 -50.69 -45.27 -9.09
N GLY A 178 -50.78 -44.73 -10.30
CA GLY A 178 -49.62 -44.65 -11.17
C GLY A 178 -48.88 -43.33 -11.03
N ALA A 179 -49.52 -42.35 -10.39
CA ALA A 179 -48.91 -41.04 -10.25
C ALA A 179 -47.87 -41.04 -9.13
N ASN A 180 -47.01 -40.03 -9.14
CA ASN A 180 -45.91 -39.93 -8.20
C ASN A 180 -45.86 -38.54 -7.58
N LEU A 181 -45.62 -38.49 -6.27
CA LEU A 181 -45.62 -37.25 -5.49
C LEU A 181 -44.29 -37.10 -4.77
N CYS A 182 -43.57 -36.03 -5.07
CA CYS A 182 -42.34 -35.67 -4.38
C CYS A 182 -42.52 -34.26 -3.82
N SER A 183 -43.05 -34.18 -2.59
CA SER A 183 -43.35 -32.89 -1.99
C SER A 183 -43.41 -33.04 -0.48
N SER A 184 -42.77 -32.11 0.23
CA SER A 184 -42.83 -32.07 1.68
C SER A 184 -43.98 -31.24 2.21
N PHE A 185 -44.71 -30.55 1.35
CA PHE A 185 -45.87 -29.75 1.74
C PHE A 185 -47.12 -30.57 1.43
N SER A 186 -47.45 -31.48 2.34
CA SER A 186 -48.69 -32.24 2.27
C SER A 186 -49.45 -32.00 3.57
N ILE A 187 -50.77 -31.81 3.45
CA ILE A 187 -51.57 -31.44 4.62
C ILE A 187 -51.70 -32.66 5.51
N CYS A 188 -50.93 -32.71 6.59
CA CYS A 188 -50.88 -33.88 7.46
C CYS A 188 -51.12 -33.45 8.89
N HIS A 189 -51.63 -34.40 9.70
CA HIS A 189 -52.19 -34.06 11.00
C HIS A 189 -51.13 -33.54 11.97
N THR A 190 -50.02 -34.27 12.10
CA THR A 190 -49.00 -33.95 13.08
C THR A 190 -47.87 -33.20 12.39
N PHE A 191 -47.64 -31.97 12.82
CA PHE A 191 -46.62 -31.13 12.20
C PHE A 191 -45.22 -31.63 12.56
N GLN A 192 -44.25 -31.21 11.75
CA GLN A 192 -42.85 -31.56 11.95
C GLN A 192 -42.04 -30.27 12.00
N TRP A 193 -40.72 -30.41 11.99
CA TRP A 193 -39.84 -29.25 12.11
C TRP A 193 -39.87 -28.39 10.86
N HIS A 194 -40.40 -28.92 9.76
CA HIS A 194 -40.36 -28.18 8.50
C HIS A 194 -41.25 -26.95 8.51
N GLU A 195 -42.41 -27.02 9.17
CA GLU A 195 -43.38 -25.92 9.10
C GLU A 195 -42.90 -24.69 9.88
N ALA A 196 -42.20 -24.89 10.99
CA ALA A 196 -41.56 -23.77 11.66
C ALA A 196 -40.55 -23.07 10.75
N MET A 197 -39.85 -23.83 9.91
CA MET A 197 -38.91 -23.26 8.95
C MET A 197 -39.60 -22.46 7.86
N PHE A 198 -40.92 -22.57 7.74
CA PHE A 198 -41.66 -21.73 6.80
C PHE A 198 -42.37 -20.57 7.47
N LEU A 199 -42.72 -20.70 8.75
CA LEU A 199 -43.33 -19.60 9.48
C LEU A 199 -42.30 -18.62 10.04
N LEU A 200 -41.35 -19.10 10.83
CA LEU A 200 -40.35 -18.23 11.43
C LEU A 200 -39.51 -17.53 10.37
N GLU A 201 -39.16 -18.26 9.32
CA GLU A 201 -38.28 -17.72 8.27
C GLU A 201 -38.86 -16.48 7.63
N PHE A 202 -40.19 -16.35 7.60
CA PHE A 202 -40.79 -15.13 7.12
C PHE A 202 -41.06 -14.13 8.25
N PHE A 203 -41.44 -14.62 9.42
CA PHE A 203 -41.87 -13.71 10.49
C PHE A 203 -40.70 -12.88 11.04
N LEU A 204 -39.57 -13.51 11.32
CA LEU A 204 -38.50 -12.81 12.04
C LEU A 204 -37.71 -11.85 11.15
N PRO A 205 -37.32 -12.27 9.93
CA PRO A 205 -36.71 -11.28 9.02
C PRO A 205 -37.61 -10.11 8.71
N LEU A 206 -38.94 -10.28 8.78
CA LEU A 206 -39.83 -9.13 8.64
C LEU A 206 -39.56 -8.11 9.73
N GLY A 207 -39.43 -8.56 10.98
CA GLY A 207 -39.13 -7.64 12.06
C GLY A 207 -37.79 -6.95 11.87
N ILE A 208 -36.76 -7.71 11.51
CA ILE A 208 -35.44 -7.12 11.33
C ILE A 208 -35.46 -6.07 10.23
N ILE A 209 -36.05 -6.42 9.08
CA ILE A 209 -36.07 -5.52 7.94
C ILE A 209 -36.87 -4.26 8.26
N LEU A 210 -38.04 -4.41 8.87
CA LEU A 210 -38.87 -3.26 9.19
C LEU A 210 -38.16 -2.33 10.18
N PHE A 211 -37.55 -2.90 11.22
CA PHE A 211 -36.82 -2.09 12.19
C PHE A 211 -35.72 -1.30 11.51
N CYS A 212 -34.90 -1.97 10.70
CA CYS A 212 -33.75 -1.31 10.08
C CYS A 212 -34.20 -0.21 9.12
N SER A 213 -35.20 -0.51 8.27
CA SER A 213 -35.65 0.49 7.31
C SER A 213 -36.28 1.70 8.00
N ALA A 214 -37.11 1.46 9.02
CA ALA A 214 -37.73 2.57 9.73
C ALA A 214 -36.68 3.44 10.41
N ARG A 215 -35.67 2.83 11.04
CA ARG A 215 -34.64 3.63 11.68
C ARG A 215 -33.82 4.41 10.66
N ILE A 216 -33.54 3.81 9.49
CA ILE A 216 -32.80 4.53 8.47
C ILE A 216 -33.58 5.77 8.02
N ILE A 217 -34.87 5.60 7.75
CA ILE A 217 -35.67 6.75 7.30
C ILE A 217 -35.74 7.81 8.39
N TRP A 218 -35.92 7.39 9.64
CA TRP A 218 -35.96 8.35 10.74
C TRP A 218 -34.65 9.14 10.83
N SER A 219 -33.52 8.43 10.80
CA SER A 219 -32.24 9.11 11.01
C SER A 219 -31.80 9.89 9.77
N LEU A 220 -32.44 9.66 8.63
CA LEU A 220 -32.13 10.49 7.47
C LEU A 220 -33.04 11.72 7.39
N ARG A 221 -34.28 11.60 7.85
CA ARG A 221 -35.16 12.77 7.87
C ARG A 221 -34.81 13.72 9.00
N GLN A 222 -34.51 13.19 10.19
CA GLN A 222 -34.21 14.04 11.34
C GLN A 222 -32.91 14.82 11.13
N ARG A 223 -31.99 14.27 10.34
CA ARG A 223 -30.71 14.92 10.08
C ARG A 223 -30.80 15.99 9.00
N GLN A 224 -31.94 16.08 8.32
CA GLN A 224 -32.17 17.06 7.24
C GLN A 224 -31.19 16.83 6.09
N MET A 225 -31.29 15.65 5.49
CA MET A 225 -30.45 15.26 4.37
C MET A 225 -31.27 14.99 3.12
N ASP A 226 -32.60 14.97 3.20
CA ASP A 226 -33.45 14.59 2.08
C ASP A 226 -33.44 15.59 0.94
N ARG A 227 -32.84 16.77 1.13
CA ARG A 227 -32.85 17.80 0.10
C ARG A 227 -32.20 17.29 -1.19
N HIS A 228 -31.12 16.54 -1.06
CA HIS A 228 -30.47 15.98 -2.24
C HIS A 228 -31.33 14.89 -2.86
N ALA A 229 -31.34 14.83 -4.20
CA ALA A 229 -32.23 13.91 -4.90
C ALA A 229 -31.80 12.46 -4.70
N LYS A 230 -30.49 12.20 -4.64
CA LYS A 230 -30.02 10.83 -4.50
C LYS A 230 -30.51 10.21 -3.20
N ILE A 231 -30.67 11.02 -2.16
CA ILE A 231 -31.14 10.49 -0.87
C ILE A 231 -32.61 10.10 -0.96
N LYS A 232 -33.42 10.89 -1.67
CA LYS A 232 -34.81 10.50 -1.88
C LYS A 232 -34.90 9.23 -2.72
N ARG A 233 -33.99 9.08 -3.70
CA ARG A 233 -33.93 7.83 -4.45
C ARG A 233 -33.59 6.66 -3.53
N ALA A 234 -32.64 6.87 -2.62
CA ALA A 234 -32.28 5.82 -1.67
C ALA A 234 -33.45 5.44 -0.78
N ILE A 235 -34.20 6.43 -0.31
CA ILE A 235 -35.38 6.15 0.51
C ILE A 235 -36.39 5.35 -0.27
N THR A 236 -36.62 5.72 -1.53
CA THR A 236 -37.55 4.97 -2.37
C THR A 236 -37.11 3.52 -2.52
N PHE A 237 -35.83 3.30 -2.77
CA PHE A 237 -35.34 1.92 -2.94
C PHE A 237 -35.46 1.13 -1.65
N ILE A 238 -35.19 1.77 -0.51
CA ILE A 238 -35.28 1.09 0.78
C ILE A 238 -36.72 0.65 1.04
N MET A 239 -37.69 1.51 0.73
CA MET A 239 -39.09 1.08 0.85
C MET A 239 -39.43 -0.03 -0.13
N VAL A 240 -38.90 0.07 -1.36
CA VAL A 240 -39.20 -0.91 -2.40
C VAL A 240 -38.77 -2.31 -1.99
N VAL A 241 -37.58 -2.42 -1.38
CA VAL A 241 -37.07 -3.75 -1.02
C VAL A 241 -38.04 -4.46 -0.07
N ALA A 242 -38.45 -3.76 0.99
CA ALA A 242 -39.37 -4.35 1.95
C ALA A 242 -40.73 -4.65 1.33
N ILE A 243 -41.20 -3.76 0.44
CA ILE A 243 -42.48 -4.00 -0.22
C ILE A 243 -42.43 -5.28 -1.04
N VAL A 244 -41.35 -5.47 -1.80
CA VAL A 244 -41.21 -6.67 -2.61
C VAL A 244 -41.16 -7.91 -1.73
N PHE A 245 -40.38 -7.86 -0.65
CA PHE A 245 -40.28 -9.00 0.26
C PHE A 245 -41.65 -9.38 0.81
N VAL A 246 -42.41 -8.39 1.28
CA VAL A 246 -43.71 -8.66 1.87
C VAL A 246 -44.66 -9.25 0.84
N ILE A 247 -44.76 -8.61 -0.33
CA ILE A 247 -45.74 -9.05 -1.32
C ILE A 247 -45.33 -10.39 -1.92
N CYS A 248 -44.07 -10.78 -1.75
CA CYS A 248 -43.65 -12.08 -2.26
C CYS A 248 -43.90 -13.19 -1.26
N PHE A 249 -43.64 -12.95 0.03
CA PHE A 249 -43.67 -14.04 0.99
C PHE A 249 -44.89 -14.02 1.92
N LEU A 250 -45.85 -13.12 1.71
CA LEU A 250 -47.03 -13.15 2.57
C LEU A 250 -48.08 -14.20 2.19
N PRO A 251 -48.51 -14.28 0.91
CA PRO A 251 -49.67 -15.14 0.60
C PRO A 251 -49.51 -16.59 0.98
N SER A 252 -48.33 -17.17 0.76
CA SER A 252 -48.13 -18.56 1.13
C SER A 252 -48.27 -18.75 2.63
N VAL A 253 -47.75 -17.81 3.41
CA VAL A 253 -47.83 -17.92 4.87
C VAL A 253 -49.26 -17.81 5.34
N VAL A 254 -50.04 -16.88 4.77
CA VAL A 254 -51.43 -16.75 5.22
C VAL A 254 -52.24 -17.98 4.82
N VAL A 255 -51.98 -18.54 3.63
CA VAL A 255 -52.67 -19.76 3.22
C VAL A 255 -52.33 -20.91 4.17
N ARG A 256 -51.06 -21.04 4.55
CA ARG A 256 -50.68 -22.10 5.46
C ARG A 256 -51.31 -21.91 6.83
N ILE A 257 -51.43 -20.66 7.28
CA ILE A 257 -52.12 -20.39 8.54
C ILE A 257 -53.58 -20.83 8.44
N ARG A 258 -54.21 -20.57 7.29
CA ARG A 258 -55.58 -21.02 7.07
C ARG A 258 -55.67 -22.55 7.11
N ILE A 259 -54.68 -23.22 6.54
CA ILE A 259 -54.62 -24.68 6.58
C ILE A 259 -54.55 -25.18 8.01
N PHE A 260 -53.68 -24.56 8.82
CA PHE A 260 -53.59 -24.96 10.22
C PHE A 260 -54.89 -24.66 10.97
N TRP A 261 -55.57 -23.58 10.59
CA TRP A 261 -56.84 -23.25 11.21
C TRP A 261 -57.84 -24.38 10.99
N LEU A 262 -58.01 -24.80 9.73
CA LEU A 262 -58.91 -25.93 9.48
C LEU A 262 -58.43 -27.18 10.19
N LEU A 263 -57.11 -27.40 10.24
CA LEU A 263 -56.59 -28.63 10.80
C LEU A 263 -56.91 -28.75 12.29
N HIS A 264 -56.78 -27.65 13.04
CA HIS A 264 -57.03 -27.77 14.47
C HIS A 264 -58.48 -27.48 14.84
N THR A 265 -59.30 -26.95 13.92
CA THR A 265 -60.71 -26.76 14.20
C THR A 265 -61.57 -27.92 13.70
N SER A 266 -61.57 -28.17 12.39
CA SER A 266 -62.42 -29.20 11.81
C SER A 266 -61.89 -30.60 12.05
N GLY A 267 -60.57 -30.75 12.19
CA GLY A 267 -59.96 -32.07 12.23
C GLY A 267 -59.67 -32.59 10.83
N THR A 268 -59.17 -33.83 10.79
CA THR A 268 -58.80 -34.49 9.54
C THR A 268 -59.73 -35.69 9.34
N GLN A 269 -60.87 -35.46 8.71
CA GLN A 269 -61.81 -36.53 8.39
C GLN A 269 -62.22 -36.55 6.93
N ASN A 270 -62.41 -35.39 6.30
CA ASN A 270 -62.97 -35.30 4.97
C ASN A 270 -62.11 -34.36 4.13
N CYS A 271 -61.49 -34.92 3.07
CA CYS A 271 -60.48 -34.18 2.33
C CYS A 271 -61.09 -33.11 1.41
N GLU A 272 -62.33 -33.30 0.96
CA GLU A 272 -62.91 -32.38 -0.02
C GLU A 272 -62.94 -30.94 0.52
N VAL A 273 -63.06 -30.77 1.83
CA VAL A 273 -63.10 -29.45 2.44
C VAL A 273 -61.87 -28.63 2.07
N TYR A 274 -60.78 -29.31 1.75
CA TYR A 274 -59.52 -28.64 1.50
C TYR A 274 -59.30 -28.30 0.03
N ARG A 275 -60.25 -28.66 -0.84
CA ARG A 275 -60.02 -28.55 -2.28
C ARG A 275 -59.67 -27.12 -2.69
N SER A 276 -60.32 -26.14 -2.08
CA SER A 276 -60.09 -24.76 -2.48
C SER A 276 -58.78 -24.21 -1.94
N VAL A 277 -58.26 -24.78 -0.85
CA VAL A 277 -57.11 -24.14 -0.21
C VAL A 277 -55.79 -24.80 -0.61
N ASP A 278 -55.79 -26.11 -0.86
CA ASP A 278 -54.55 -26.78 -1.24
C ASP A 278 -54.01 -26.26 -2.56
N LEU A 279 -54.85 -26.31 -3.61
CA LEU A 279 -54.45 -25.84 -4.93
C LEU A 279 -53.81 -24.47 -4.87
N ALA A 280 -54.57 -23.48 -4.38
CA ALA A 280 -54.10 -22.10 -4.33
C ALA A 280 -52.76 -22.02 -3.60
N PHE A 281 -52.56 -22.87 -2.59
CA PHE A 281 -51.30 -22.85 -1.85
C PHE A 281 -50.11 -22.94 -2.80
N PHE A 282 -50.12 -23.92 -3.69
CA PHE A 282 -49.00 -24.06 -4.62
C PHE A 282 -48.84 -22.81 -5.47
N ILE A 283 -49.97 -22.25 -5.94
CA ILE A 283 -49.91 -21.00 -6.69
C ILE A 283 -49.25 -19.92 -5.86
N THR A 284 -49.65 -19.81 -4.59
CA THR A 284 -49.03 -18.81 -3.72
C THR A 284 -47.54 -19.10 -3.56
N LEU A 285 -47.17 -20.38 -3.51
CA LEU A 285 -45.74 -20.71 -3.39
C LEU A 285 -44.99 -20.24 -4.63
N SER A 286 -45.64 -20.24 -5.79
CA SER A 286 -45.00 -19.70 -6.98
C SER A 286 -44.57 -18.26 -6.77
N PHE A 287 -45.37 -17.49 -6.02
CA PHE A 287 -45.02 -16.11 -5.71
C PHE A 287 -43.61 -16.02 -5.13
N THR A 288 -43.27 -16.98 -4.27
CA THR A 288 -41.95 -16.96 -3.64
C THR A 288 -40.84 -16.96 -4.68
N TYR A 289 -40.96 -17.80 -5.72
CA TYR A 289 -39.93 -17.84 -6.74
C TYR A 289 -39.74 -16.49 -7.41
N MET A 290 -40.82 -15.72 -7.54
CA MET A 290 -40.72 -14.39 -8.14
C MET A 290 -39.68 -13.54 -7.43
N ASN A 291 -39.60 -13.66 -6.10
CA ASN A 291 -38.62 -12.89 -5.34
C ASN A 291 -37.22 -13.06 -5.92
N SER A 292 -36.86 -14.30 -6.29
CA SER A 292 -35.54 -14.53 -6.85
C SER A 292 -35.30 -13.67 -8.08
N MET A 293 -36.23 -13.69 -9.04
CA MET A 293 -36.00 -12.95 -10.26
C MET A 293 -36.10 -11.45 -10.04
N LEU A 294 -36.54 -11.02 -8.85
CA LEU A 294 -36.51 -9.60 -8.52
C LEU A 294 -35.30 -9.21 -7.69
N ASP A 295 -34.56 -10.19 -7.15
CA ASP A 295 -33.44 -9.85 -6.28
C ASP A 295 -32.34 -9.07 -6.98
N PRO A 296 -31.83 -9.49 -8.15
CA PRO A 296 -30.83 -8.64 -8.82
C PRO A 296 -31.41 -7.40 -9.45
N VAL A 297 -32.66 -7.48 -9.94
CA VAL A 297 -33.25 -6.38 -10.69
C VAL A 297 -33.24 -5.09 -9.87
N VAL A 298 -33.59 -5.20 -8.58
CA VAL A 298 -33.51 -4.03 -7.70
C VAL A 298 -32.04 -3.64 -7.49
N TYR A 299 -31.20 -4.61 -7.14
CA TYR A 299 -29.87 -4.29 -6.64
C TYR A 299 -28.88 -3.94 -7.74
N TYR A 300 -29.23 -4.17 -9.01
CA TYR A 300 -28.45 -3.63 -10.11
C TYR A 300 -29.02 -2.34 -10.66
N PHE A 301 -30.19 -1.91 -10.16
CA PHE A 301 -30.82 -0.68 -10.62
C PHE A 301 -30.48 0.51 -9.73
N SER A 302 -29.91 0.29 -8.55
CA SER A 302 -29.56 1.40 -7.67
C SER A 302 -28.31 2.12 -8.15
N SER A 303 -27.38 1.37 -8.74
CA SER A 303 -26.12 1.92 -9.26
C SER A 303 -25.35 2.69 -8.19
N VAL B 2 24.62 -3.18 24.25
CA VAL B 2 25.85 -3.91 23.97
C VAL B 2 26.48 -4.41 25.27
N GLN B 3 25.64 -4.74 26.24
CA GLN B 3 26.10 -5.27 27.52
C GLN B 3 25.13 -6.34 27.98
N LEU B 4 25.60 -7.58 28.05
CA LEU B 4 24.81 -8.73 28.49
C LEU B 4 25.44 -9.32 29.73
N VAL B 5 24.63 -9.57 30.75
CA VAL B 5 25.10 -10.10 32.02
C VAL B 5 24.31 -11.37 32.33
N GLU B 6 24.93 -12.28 33.07
CA GLU B 6 24.30 -13.53 33.47
C GLU B 6 24.33 -13.68 34.98
N SER B 7 23.39 -14.48 35.49
CA SER B 7 23.32 -14.74 36.93
C SER B 7 22.55 -16.03 37.16
N GLY B 8 22.75 -16.59 38.35
CA GLY B 8 22.02 -17.76 38.79
C GLY B 8 22.85 -19.03 38.92
N GLY B 9 24.10 -19.02 38.48
CA GLY B 9 24.93 -20.20 38.51
C GLY B 9 25.40 -20.55 39.92
N GLY B 10 26.18 -21.61 39.99
CA GLY B 10 26.73 -22.04 41.27
C GLY B 10 26.79 -23.54 41.46
N LEU B 11 26.71 -23.97 42.71
CA LEU B 11 26.84 -25.38 43.08
C LEU B 11 25.45 -25.97 43.33
N VAL B 12 25.18 -27.12 42.72
CA VAL B 12 23.89 -27.78 42.80
C VAL B 12 24.08 -29.27 43.05
N GLN B 13 23.01 -29.90 43.51
CA GLN B 13 22.98 -31.34 43.74
C GLN B 13 22.08 -32.01 42.71
N PRO B 14 22.31 -33.30 42.42
CA PRO B 14 21.49 -33.98 41.42
C PRO B 14 20.02 -33.97 41.77
N GLY B 15 19.17 -33.86 40.75
CA GLY B 15 17.74 -33.86 40.95
C GLY B 15 17.13 -32.50 41.23
N GLY B 16 17.93 -31.45 41.33
CA GLY B 16 17.41 -30.12 41.59
C GLY B 16 16.97 -29.42 40.32
N SER B 17 16.54 -28.17 40.50
CA SER B 17 16.11 -27.31 39.41
C SER B 17 16.80 -25.96 39.54
N ARG B 18 17.06 -25.31 38.41
CA ARG B 18 17.80 -24.06 38.44
C ARG B 18 17.18 -23.06 37.47
N LYS B 19 17.44 -21.77 37.75
CA LYS B 19 16.95 -20.67 36.94
C LYS B 19 18.14 -19.77 36.59
N LEU B 20 18.57 -19.80 35.33
CA LEU B 20 19.64 -18.95 34.85
C LEU B 20 19.02 -17.74 34.15
N SER B 21 19.50 -16.55 34.51
CA SER B 21 18.94 -15.31 34.02
C SER B 21 19.99 -14.52 33.24
N CYS B 22 19.55 -13.91 32.13
CA CYS B 22 20.37 -13.03 31.32
C CYS B 22 19.69 -11.68 31.22
N SER B 23 20.45 -10.62 31.50
CA SER B 23 19.97 -9.25 31.44
C SER B 23 20.70 -8.51 30.33
N ALA B 24 19.95 -7.82 29.49
CA ALA B 24 20.49 -7.12 28.32
C ALA B 24 20.33 -5.62 28.51
N SER B 25 21.31 -4.86 28.02
CA SER B 25 21.25 -3.41 28.11
C SER B 25 22.08 -2.80 26.99
N GLY B 26 21.47 -1.87 26.25
CA GLY B 26 22.19 -1.09 25.27
C GLY B 26 21.83 -1.35 23.81
N PHE B 27 20.78 -2.12 23.53
CA PHE B 27 20.43 -2.41 22.15
C PHE B 27 18.93 -2.75 22.08
N ALA B 28 18.48 -3.18 20.91
CA ALA B 28 17.07 -3.47 20.65
C ALA B 28 16.84 -4.97 20.82
N PHE B 29 16.38 -5.35 22.02
CA PHE B 29 16.17 -6.76 22.33
C PHE B 29 15.12 -7.37 21.42
N SER B 30 14.02 -6.65 21.18
CA SER B 30 12.87 -7.23 20.51
C SER B 30 13.17 -7.68 19.08
N SER B 31 14.26 -7.19 18.48
CA SER B 31 14.61 -7.56 17.12
C SER B 31 15.75 -8.57 17.05
N PHE B 32 16.30 -9.01 18.18
CA PHE B 32 17.43 -9.92 18.22
C PHE B 32 17.02 -11.26 18.80
N GLY B 33 17.29 -12.34 18.07
CA GLY B 33 17.14 -13.66 18.61
C GLY B 33 18.31 -14.05 19.49
N MET B 34 18.08 -15.07 20.33
CA MET B 34 19.08 -15.44 21.33
C MET B 34 19.43 -16.92 21.26
N HIS B 35 20.65 -17.22 21.68
CA HIS B 35 21.18 -18.56 21.76
C HIS B 35 21.81 -18.78 23.12
N TRP B 36 21.74 -20.02 23.60
CA TRP B 36 22.49 -20.45 24.77
C TRP B 36 23.45 -21.55 24.32
N VAL B 37 24.73 -21.36 24.63
CA VAL B 37 25.82 -22.23 24.20
C VAL B 37 26.65 -22.62 25.43
N ARG B 38 26.98 -23.89 25.56
CA ARG B 38 27.65 -24.42 26.75
C ARG B 38 29.10 -24.75 26.44
N GLN B 39 29.98 -24.51 27.41
CA GLN B 39 31.41 -24.80 27.27
C GLN B 39 31.85 -25.63 28.47
N ALA B 40 32.41 -26.81 28.21
CA ALA B 40 32.89 -27.68 29.26
C ALA B 40 34.15 -27.09 29.89
N PRO B 41 34.46 -27.46 31.13
CA PRO B 41 35.63 -26.87 31.80
C PRO B 41 36.96 -27.15 31.11
N GLU B 42 37.05 -28.21 30.31
CA GLU B 42 38.29 -28.49 29.59
C GLU B 42 38.05 -29.00 28.18
N LYS B 43 36.86 -28.84 27.63
CA LYS B 43 36.52 -29.34 26.30
C LYS B 43 36.00 -28.17 25.44
N GLY B 44 35.54 -28.50 24.24
CA GLY B 44 35.12 -27.50 23.30
C GLY B 44 33.68 -27.04 23.50
N LEU B 45 33.24 -26.18 22.59
CA LEU B 45 31.92 -25.58 22.65
C LEU B 45 30.86 -26.56 22.16
N GLU B 46 29.64 -26.37 22.67
CA GLU B 46 28.49 -27.13 22.20
C GLU B 46 27.23 -26.33 22.47
N TRP B 47 26.28 -26.41 21.54
CA TRP B 47 25.07 -25.61 21.57
C TRP B 47 24.05 -26.18 22.54
N VAL B 48 23.19 -25.30 23.07
CA VAL B 48 22.14 -25.73 23.99
C VAL B 48 20.77 -25.38 23.46
N ALA B 49 20.52 -24.10 23.17
CA ALA B 49 19.16 -23.73 22.81
C ALA B 49 19.14 -22.49 21.92
N TYR B 50 18.04 -22.33 21.19
CA TYR B 50 17.81 -21.17 20.32
C TYR B 50 16.38 -20.70 20.42
N ILE B 51 16.21 -19.38 20.63
CA ILE B 51 14.92 -18.70 20.60
C ILE B 51 14.97 -17.61 19.54
N SER B 52 13.91 -17.51 18.75
CA SER B 52 13.83 -16.52 17.68
C SER B 52 13.04 -15.31 18.13
N SER B 53 13.06 -14.27 17.31
CA SER B 53 12.36 -13.04 17.62
C SER B 53 10.85 -13.27 17.60
N GLY B 54 10.16 -12.72 18.59
CA GLY B 54 8.73 -12.90 18.71
C GLY B 54 8.28 -14.20 19.32
N SER B 55 9.21 -15.04 19.78
CA SER B 55 8.88 -16.31 20.43
C SER B 55 8.05 -17.21 19.52
N GLY B 56 8.51 -17.37 18.28
CA GLY B 56 7.81 -18.20 17.33
C GLY B 56 8.41 -19.57 17.13
N THR B 57 9.73 -19.65 17.01
CA THR B 57 10.43 -20.90 16.79
C THR B 57 11.42 -21.13 17.92
N ILE B 58 11.33 -22.29 18.55
CA ILE B 58 12.18 -22.66 19.68
C ILE B 58 12.84 -23.99 19.37
N TYR B 59 14.17 -24.03 19.45
CA TYR B 59 14.92 -25.24 19.15
C TYR B 59 15.81 -25.62 20.32
N TYR B 60 15.82 -26.91 20.66
CA TYR B 60 16.67 -27.47 21.68
C TYR B 60 17.62 -28.48 21.07
N ALA B 61 18.65 -28.85 21.83
CA ALA B 61 19.59 -29.87 21.38
C ALA B 61 19.00 -31.27 21.61
N ASP B 62 19.64 -32.26 20.99
CA ASP B 62 19.16 -33.63 21.09
C ASP B 62 19.34 -34.22 22.48
N THR B 63 20.25 -33.67 23.27
CA THR B 63 20.52 -34.17 24.61
C THR B 63 19.97 -33.28 25.71
N VAL B 64 19.10 -32.33 25.37
CA VAL B 64 18.56 -31.40 26.34
C VAL B 64 17.04 -31.30 26.22
N LYS B 65 16.48 -31.87 25.16
CA LYS B 65 15.06 -31.69 24.88
C LYS B 65 14.21 -32.26 26.01
N GLY B 66 13.13 -31.57 26.32
CA GLY B 66 12.24 -31.97 27.39
C GLY B 66 12.68 -31.51 28.76
N ARG B 67 13.96 -31.72 29.08
CA ARG B 67 14.48 -31.28 30.37
C ARG B 67 14.54 -29.76 30.46
N PHE B 68 15.11 -29.12 29.44
CA PHE B 68 15.43 -27.70 29.49
C PHE B 68 14.23 -26.90 29.00
N THR B 69 13.99 -25.74 29.61
CA THR B 69 12.93 -24.86 29.10
C THR B 69 13.37 -23.40 29.19
N ILE B 70 13.35 -22.72 28.04
CA ILE B 70 13.92 -21.38 27.92
C ILE B 70 12.85 -20.44 27.36
N SER B 71 12.73 -19.26 27.99
CA SER B 71 11.78 -18.24 27.58
C SER B 71 12.43 -16.87 27.71
N ARG B 72 11.68 -15.83 27.35
CA ARG B 72 12.20 -14.47 27.47
C ARG B 72 11.05 -13.50 27.69
N ASP B 73 11.32 -12.45 28.45
CA ASP B 73 10.38 -11.36 28.69
C ASP B 73 10.95 -10.10 28.05
N ASP B 74 10.18 -9.51 27.13
CA ASP B 74 10.61 -8.37 26.35
C ASP B 74 10.54 -7.05 27.12
N PRO B 75 9.42 -6.69 27.75
CA PRO B 75 9.37 -5.36 28.41
C PRO B 75 10.43 -5.18 29.47
N LYS B 76 10.76 -6.22 30.22
CA LYS B 76 11.82 -6.16 31.22
C LYS B 76 13.19 -6.47 30.63
N ASN B 77 13.25 -6.92 29.38
CA ASN B 77 14.50 -7.26 28.70
C ASN B 77 15.30 -8.29 29.49
N THR B 78 14.72 -9.48 29.63
CA THR B 78 15.37 -10.57 30.34
C THR B 78 15.15 -11.88 29.60
N LEU B 79 16.10 -12.80 29.77
CA LEU B 79 16.09 -14.09 29.10
C LEU B 79 16.32 -15.19 30.12
N PHE B 80 15.33 -16.06 30.31
CA PHE B 80 15.39 -17.09 31.34
C PHE B 80 15.63 -18.46 30.72
N LEU B 81 16.44 -19.26 31.40
CA LEU B 81 16.63 -20.68 31.09
C LEU B 81 16.38 -21.47 32.36
N GLN B 82 15.71 -22.62 32.23
CA GLN B 82 15.25 -23.37 33.38
C GLN B 82 15.70 -24.81 33.28
N MET B 83 16.28 -25.30 34.39
CA MET B 83 17.01 -26.54 34.50
C MET B 83 16.18 -27.51 35.33
N THR B 84 15.87 -28.68 34.77
CA THR B 84 15.12 -29.71 35.46
C THR B 84 15.86 -31.04 35.38
N SER B 85 15.80 -31.81 36.47
CA SER B 85 16.50 -33.09 36.60
C SER B 85 17.99 -32.92 36.30
N LEU B 86 18.63 -32.14 37.17
CA LEU B 86 20.02 -31.73 36.99
C LEU B 86 20.95 -32.92 37.19
N ARG B 87 21.86 -33.13 36.25
CA ARG B 87 22.71 -34.31 36.23
C ARG B 87 24.18 -33.91 36.13
N SER B 88 25.06 -34.90 36.22
CA SER B 88 26.50 -34.67 36.30
C SER B 88 27.15 -34.38 34.96
N GLU B 89 26.43 -34.50 33.84
CA GLU B 89 27.04 -34.31 32.54
C GLU B 89 27.02 -32.85 32.08
N ASP B 90 26.36 -31.98 32.86
CA ASP B 90 26.19 -30.56 32.47
C ASP B 90 27.06 -29.59 33.28
N THR B 91 28.04 -30.08 34.04
CA THR B 91 28.85 -29.21 34.88
C THR B 91 29.72 -28.47 33.88
N ALA B 92 29.40 -27.20 33.65
CA ALA B 92 30.05 -26.42 32.59
C ALA B 92 29.69 -24.96 32.78
N MET B 93 30.14 -24.12 31.85
CA MET B 93 29.89 -22.68 31.93
C MET B 93 29.16 -22.23 30.67
N TYR B 94 28.08 -21.48 30.86
CA TYR B 94 27.11 -21.17 29.84
C TYR B 94 27.27 -19.74 29.33
N TYR B 95 26.98 -19.55 28.04
CA TYR B 95 27.04 -18.28 27.35
C TYR B 95 25.70 -17.99 26.69
N CYS B 96 25.38 -16.71 26.61
CA CYS B 96 24.24 -16.23 25.83
C CYS B 96 24.77 -15.40 24.67
N VAL B 97 24.21 -15.63 23.48
CA VAL B 97 24.68 -15.00 22.25
C VAL B 97 23.50 -14.35 21.55
N ARG B 98 23.68 -13.12 21.11
CA ARG B 98 22.67 -12.43 20.32
C ARG B 98 22.90 -12.70 18.83
N SER B 99 21.83 -12.64 18.06
CA SER B 99 21.95 -12.91 16.62
C SER B 99 20.75 -12.33 15.91
N ILE B 100 21.00 -11.75 14.73
CA ILE B 100 19.95 -11.22 13.87
C ILE B 100 20.14 -11.81 12.48
N TYR B 101 19.03 -12.09 11.79
CA TYR B 101 19.07 -12.77 10.51
C TYR B 101 18.32 -11.94 9.47
N TYR B 102 19.08 -11.32 8.57
CA TYR B 102 18.54 -10.71 7.37
C TYR B 102 19.68 -10.63 6.36
N TYR B 103 19.38 -10.12 5.17
CA TYR B 103 20.39 -10.05 4.12
C TYR B 103 21.55 -9.17 4.55
N GLY B 104 22.75 -9.73 4.57
CA GLY B 104 23.92 -9.01 4.99
C GLY B 104 24.16 -8.97 6.49
N SER B 105 23.38 -9.72 7.27
CA SER B 105 23.54 -9.70 8.72
C SER B 105 24.78 -10.48 9.13
N SER B 106 25.18 -10.30 10.38
CA SER B 106 26.34 -10.96 10.97
C SER B 106 25.93 -11.62 12.27
N PRO B 107 25.34 -12.82 12.19
CA PRO B 107 24.90 -13.51 13.41
C PRO B 107 26.08 -13.91 14.28
N PHE B 108 25.76 -14.13 15.56
CA PHE B 108 26.75 -14.45 16.59
C PHE B 108 27.75 -13.30 16.75
N ASP B 109 27.21 -12.08 16.87
CA ASP B 109 28.04 -10.89 16.89
C ASP B 109 28.67 -10.66 18.27
N PHE B 110 27.84 -10.51 19.29
CA PHE B 110 28.31 -10.19 20.63
C PHE B 110 28.06 -11.36 21.57
N TRP B 111 29.00 -11.60 22.48
CA TRP B 111 28.95 -12.71 23.41
C TRP B 111 29.07 -12.19 24.83
N GLY B 112 28.18 -12.65 25.71
CA GLY B 112 28.27 -12.32 27.11
C GLY B 112 29.36 -13.11 27.81
N GLN B 113 29.56 -12.78 29.09
CA GLN B 113 30.60 -13.43 29.87
C GLN B 113 30.26 -14.87 30.23
N GLY B 114 28.99 -15.16 30.50
CA GLY B 114 28.58 -16.49 30.88
C GLY B 114 28.72 -16.73 32.37
N THR B 115 28.13 -17.84 32.82
CA THR B 115 28.15 -18.18 34.24
C THR B 115 28.41 -19.67 34.41
N THR B 116 28.98 -20.03 35.55
CA THR B 116 29.44 -21.39 35.81
C THR B 116 28.40 -22.16 36.63
N LEU B 117 28.20 -23.43 36.28
CA LEU B 117 27.32 -24.33 37.02
C LEU B 117 28.05 -25.63 37.25
N THR B 118 28.16 -26.04 38.52
CA THR B 118 28.83 -27.26 38.92
C THR B 118 27.89 -28.09 39.78
N VAL B 119 27.98 -29.42 39.62
CA VAL B 119 27.16 -30.35 40.39
C VAL B 119 28.06 -31.13 41.32
N SER B 120 27.47 -32.03 42.11
CA SER B 120 28.24 -32.87 43.01
C SER B 120 27.80 -34.33 42.92
N SER B 136 21.54 -37.98 11.28
CA SER B 136 22.40 -37.77 12.44
C SER B 136 22.75 -36.30 12.59
N ASP B 137 24.05 -36.00 12.65
CA ASP B 137 24.53 -34.63 12.79
C ASP B 137 25.87 -34.51 12.11
N ILE B 138 26.11 -33.34 11.50
CA ILE B 138 27.37 -33.10 10.79
C ILE B 138 28.51 -32.96 11.79
N VAL B 139 29.60 -33.67 11.53
CA VAL B 139 30.75 -33.71 12.43
C VAL B 139 31.85 -32.83 11.85
N MET B 140 32.38 -31.92 12.67
CA MET B 140 33.46 -31.03 12.28
C MET B 140 34.78 -31.55 12.86
N THR B 141 35.82 -31.59 12.04
CA THR B 141 37.12 -32.11 12.44
C THR B 141 38.13 -30.98 12.41
N GLN B 142 38.81 -30.77 13.55
CA GLN B 142 39.95 -29.87 13.65
C GLN B 142 41.21 -30.71 13.52
N ALA B 143 42.06 -30.36 12.55
CA ALA B 143 43.22 -31.18 12.24
C ALA B 143 44.22 -31.21 13.39
N THR B 144 44.47 -30.07 14.02
CA THR B 144 45.56 -29.93 14.97
C THR B 144 45.01 -29.55 16.34
N SER B 145 45.82 -29.78 17.38
CA SER B 145 45.48 -29.40 18.74
C SER B 145 46.45 -28.39 19.36
N SER B 146 47.59 -28.14 18.73
CA SER B 146 48.56 -27.19 19.26
C SER B 146 49.60 -26.82 18.21
N VAL B 147 49.84 -25.52 18.03
CA VAL B 147 50.84 -25.04 17.07
C VAL B 147 51.65 -23.92 17.72
N PRO B 148 52.87 -24.19 18.17
CA PRO B 148 53.77 -23.10 18.58
C PRO B 148 54.02 -22.15 17.41
N VAL B 149 54.21 -20.87 17.74
CA VAL B 149 54.36 -19.84 16.72
C VAL B 149 55.18 -18.69 17.29
N THR B 150 55.69 -17.84 16.40
CA THR B 150 56.47 -16.65 16.72
C THR B 150 55.92 -15.46 15.94
N PRO B 151 56.04 -14.25 16.49
CA PRO B 151 55.52 -13.07 15.79
C PRO B 151 56.22 -12.85 14.45
N GLY B 152 55.46 -12.33 13.50
CA GLY B 152 55.98 -12.02 12.18
C GLY B 152 55.82 -13.11 11.15
N GLU B 153 55.08 -14.17 11.44
CA GLU B 153 54.88 -15.27 10.52
C GLU B 153 53.43 -15.31 10.07
N SER B 154 53.10 -16.32 9.26
CA SER B 154 51.75 -16.54 8.77
C SER B 154 51.32 -17.95 9.14
N VAL B 155 50.07 -18.09 9.59
CA VAL B 155 49.55 -19.34 10.11
C VAL B 155 48.27 -19.70 9.38
N SER B 156 48.17 -20.96 8.95
CA SER B 156 46.96 -21.48 8.32
C SER B 156 46.39 -22.60 9.19
N ILE B 157 45.09 -22.54 9.45
CA ILE B 157 44.39 -23.52 10.27
C ILE B 157 43.29 -24.15 9.42
N SER B 158 43.19 -25.47 9.48
CA SER B 158 42.28 -26.22 8.62
C SER B 158 41.15 -26.85 9.43
N CYS B 159 39.94 -26.78 8.88
CA CYS B 159 38.73 -27.34 9.48
C CYS B 159 37.98 -28.10 8.40
N ARG B 160 37.51 -29.31 8.75
CA ARG B 160 36.91 -30.22 7.78
C ARG B 160 35.48 -30.55 8.18
N SER B 161 34.60 -30.67 7.18
CA SER B 161 33.20 -31.00 7.40
C SER B 161 32.86 -32.31 6.70
N SER B 162 31.94 -33.07 7.30
CA SER B 162 31.56 -34.36 6.75
C SER B 162 30.81 -34.19 5.43
N LYS B 163 29.90 -33.23 5.35
CA LYS B 163 29.14 -32.97 4.13
C LYS B 163 29.32 -31.52 3.72
N SER B 164 29.08 -31.26 2.44
CA SER B 164 29.29 -29.93 1.89
C SER B 164 28.32 -28.93 2.52
N LEU B 165 28.88 -27.81 2.98
CA LEU B 165 28.10 -26.74 3.57
C LEU B 165 27.70 -25.67 2.58
N LEU B 166 28.07 -25.81 1.31
CA LEU B 166 27.72 -24.85 0.28
C LEU B 166 26.28 -25.08 -0.15
N HIS B 167 25.36 -24.24 0.31
CA HIS B 167 23.96 -24.39 -0.05
C HIS B 167 23.75 -24.00 -1.50
N SER B 168 22.57 -24.36 -2.02
CA SER B 168 22.26 -24.14 -3.43
C SER B 168 22.14 -22.66 -3.78
N ASN B 169 21.93 -21.79 -2.79
CA ASN B 169 21.79 -20.37 -3.05
C ASN B 169 23.12 -19.64 -3.15
N GLY B 170 24.22 -20.37 -3.35
CA GLY B 170 25.51 -19.74 -3.48
C GLY B 170 26.09 -19.22 -2.17
N ASN B 171 25.53 -19.61 -1.04
CA ASN B 171 25.93 -19.11 0.26
C ASN B 171 26.58 -20.23 1.06
N THR B 172 27.70 -19.91 1.70
CA THR B 172 28.40 -20.84 2.57
C THR B 172 28.17 -20.44 4.03
N TYR B 173 28.21 -21.44 4.92
CA TYR B 173 27.80 -21.26 6.31
C TYR B 173 28.88 -21.81 7.24
N LEU B 174 29.86 -20.96 7.58
CA LEU B 174 30.86 -21.28 8.59
C LEU B 174 31.21 -20.00 9.32
N TYR B 175 31.33 -20.11 10.64
CA TYR B 175 31.67 -18.98 11.49
C TYR B 175 32.88 -19.34 12.34
N TRP B 176 33.86 -18.43 12.35
CA TRP B 176 35.09 -18.61 13.12
C TRP B 176 35.03 -17.76 14.37
N PHE B 177 35.27 -18.39 15.53
CA PHE B 177 35.30 -17.69 16.80
C PHE B 177 36.67 -17.85 17.43
N LEU B 178 37.04 -16.85 18.24
CA LEU B 178 38.34 -16.84 18.91
C LEU B 178 38.12 -16.65 20.40
N GLN B 179 38.74 -17.51 21.19
CA GLN B 179 38.65 -17.47 22.65
C GLN B 179 40.03 -17.20 23.21
N ARG B 180 40.25 -15.97 23.66
CA ARG B 180 41.48 -15.59 24.34
C ARG B 180 41.41 -16.03 25.80
N PRO B 181 42.55 -16.16 26.47
CA PRO B 181 42.55 -16.59 27.87
C PRO B 181 41.71 -15.67 28.75
N GLY B 182 40.76 -16.27 29.48
CA GLY B 182 39.92 -15.53 30.40
C GLY B 182 39.08 -14.45 29.76
N GLN B 183 38.44 -14.76 28.64
CA GLN B 183 37.64 -13.76 27.93
C GLN B 183 36.62 -14.47 27.06
N SER B 184 35.42 -13.90 26.98
CA SER B 184 34.39 -14.46 26.13
C SER B 184 34.75 -14.32 24.66
N PRO B 185 34.38 -15.30 23.83
CA PRO B 185 34.80 -15.28 22.42
C PRO B 185 34.16 -14.16 21.63
N GLN B 186 34.77 -13.87 20.49
CA GLN B 186 34.32 -12.82 19.59
C GLN B 186 34.37 -13.33 18.17
N LEU B 187 33.58 -12.69 17.29
CA LEU B 187 33.48 -13.11 15.91
C LEU B 187 34.70 -12.63 15.13
N LEU B 188 35.26 -13.51 14.29
CA LEU B 188 36.38 -13.17 13.43
C LEU B 188 36.00 -13.19 11.96
N ILE B 189 35.44 -14.29 11.48
CA ILE B 189 35.01 -14.41 10.09
C ILE B 189 33.63 -15.06 10.08
N TYR B 190 32.68 -14.44 9.40
CA TYR B 190 31.34 -14.99 9.26
C TYR B 190 31.06 -15.29 7.79
N ARG B 191 30.49 -16.47 7.53
CA ARG B 191 30.22 -16.97 6.19
C ARG B 191 31.51 -17.19 5.39
N MET B 192 32.60 -17.51 6.11
CA MET B 192 33.83 -18.06 5.56
C MET B 192 34.65 -17.02 4.77
N SER B 193 34.06 -15.86 4.49
CA SER B 193 34.77 -14.85 3.70
C SER B 193 34.64 -13.43 4.22
N ASN B 194 33.72 -13.14 5.13
CA ASN B 194 33.41 -11.76 5.51
C ASN B 194 34.04 -11.43 6.84
N LEU B 195 34.78 -10.32 6.87
CA LEU B 195 35.40 -9.85 8.10
C LEU B 195 34.38 -9.17 9.00
N ALA B 196 34.48 -9.44 10.29
CA ALA B 196 33.55 -8.87 11.26
C ALA B 196 33.89 -7.40 11.53
N SER B 197 33.11 -6.77 12.39
CA SER B 197 33.33 -5.39 12.77
C SER B 197 34.28 -5.30 13.95
N GLY B 198 35.13 -4.27 13.94
CA GLY B 198 36.08 -4.09 15.02
C GLY B 198 37.22 -5.08 15.04
N VAL B 199 37.56 -5.67 13.89
CA VAL B 199 38.61 -6.68 13.82
C VAL B 199 39.60 -6.26 12.73
N PRO B 200 40.91 -6.38 12.97
CA PRO B 200 41.88 -5.95 11.96
C PRO B 200 41.76 -6.73 10.66
N ASP B 201 42.40 -6.20 9.63
CA ASP B 201 42.35 -6.76 8.28
C ASP B 201 43.35 -7.88 8.06
N ARG B 202 44.06 -8.31 9.11
CA ARG B 202 45.04 -9.38 8.94
C ARG B 202 44.36 -10.71 8.64
N PHE B 203 43.22 -10.98 9.26
CA PHE B 203 42.57 -12.27 9.14
C PHE B 203 41.97 -12.46 7.76
N SER B 204 41.93 -13.71 7.31
CA SER B 204 41.25 -14.05 6.07
C SER B 204 40.81 -15.51 6.12
N GLY B 205 39.87 -15.85 5.26
CA GLY B 205 39.37 -17.21 5.19
C GLY B 205 39.10 -17.63 3.77
N SER B 206 39.24 -18.92 3.52
CA SER B 206 39.05 -19.46 2.17
C SER B 206 38.77 -20.96 2.28
N GLY B 207 38.56 -21.58 1.12
CA GLY B 207 38.39 -23.01 1.05
C GLY B 207 37.33 -23.37 0.02
N SER B 208 36.84 -24.59 0.13
CA SER B 208 35.77 -25.09 -0.71
C SER B 208 34.98 -26.11 0.10
N GLY B 209 34.04 -26.78 -0.57
CA GLY B 209 33.22 -27.78 0.08
C GLY B 209 34.04 -28.82 0.81
N THR B 210 33.76 -28.98 2.11
CA THR B 210 34.43 -29.93 2.98
C THR B 210 35.91 -29.62 3.18
N ALA B 211 36.32 -28.36 3.08
CA ALA B 211 37.70 -27.98 3.37
C ALA B 211 37.74 -26.48 3.62
N PHE B 212 38.23 -26.07 4.79
CA PHE B 212 38.22 -24.65 5.13
C PHE B 212 39.53 -24.26 5.79
N THR B 213 40.03 -23.08 5.43
CA THR B 213 41.31 -22.58 5.92
C THR B 213 41.18 -21.16 6.42
N LEU B 214 41.66 -20.91 7.63
CA LEU B 214 41.77 -19.58 8.21
C LEU B 214 43.23 -19.18 8.17
N THR B 215 43.52 -18.02 7.58
CA THR B 215 44.88 -17.55 7.39
C THR B 215 45.10 -16.26 8.15
N ILE B 216 46.15 -16.23 8.96
CA ILE B 216 46.57 -15.04 9.69
C ILE B 216 47.95 -14.63 9.21
N SER B 217 48.10 -13.37 8.83
CA SER B 217 49.36 -12.82 8.34
C SER B 217 49.82 -11.72 9.28
N ARG B 218 51.15 -11.65 9.49
CA ARG B 218 51.77 -10.65 10.36
C ARG B 218 51.22 -10.74 11.78
N LEU B 219 51.53 -11.87 12.41
CA LEU B 219 51.08 -12.12 13.77
C LEU B 219 51.61 -11.06 14.72
N GLU B 220 50.79 -10.72 15.72
CA GLU B 220 51.20 -9.81 16.77
C GLU B 220 50.80 -10.37 18.14
N ALA B 221 51.05 -9.61 19.20
CA ALA B 221 50.65 -10.03 20.53
C ALA B 221 49.13 -10.00 20.65
N GLU B 222 48.64 -10.44 21.81
CA GLU B 222 47.20 -10.54 22.07
C GLU B 222 46.50 -11.39 21.03
N ASP B 223 47.15 -12.48 20.59
CA ASP B 223 46.61 -13.35 19.57
C ASP B 223 46.79 -14.82 19.93
N VAL B 224 46.92 -15.14 21.21
CA VAL B 224 47.01 -16.51 21.68
C VAL B 224 45.67 -16.92 22.28
N GLY B 225 45.35 -18.19 22.13
CA GLY B 225 44.07 -18.70 22.61
C GLY B 225 43.66 -19.90 21.77
N VAL B 226 42.34 -20.08 21.66
CA VAL B 226 41.78 -21.19 20.90
C VAL B 226 40.91 -20.62 19.78
N TYR B 227 40.82 -21.38 18.69
CA TYR B 227 40.04 -20.99 17.52
C TYR B 227 39.02 -22.08 17.22
N TYR B 228 37.79 -21.67 16.91
CA TYR B 228 36.68 -22.61 16.73
C TYR B 228 36.00 -22.36 15.39
N CYS B 229 35.64 -23.45 14.71
CA CYS B 229 34.89 -23.38 13.46
C CYS B 229 33.51 -24.00 13.68
N MET B 230 32.47 -23.26 13.29
CA MET B 230 31.09 -23.66 13.55
C MET B 230 30.30 -23.67 12.25
N GLN B 231 29.43 -24.67 12.15
CA GLN B 231 28.54 -24.80 10.96
C GLN B 231 27.18 -24.21 11.28
N HIS B 232 26.44 -23.83 10.26
CA HIS B 232 25.09 -23.29 10.44
C HIS B 232 24.14 -23.75 9.34
N LEU B 233 24.40 -24.93 8.77
CA LEU B 233 23.52 -25.42 7.71
C LEU B 233 22.20 -25.92 8.25
N GLU B 234 22.23 -26.67 9.36
CA GLU B 234 21.02 -27.23 9.93
C GLU B 234 21.26 -27.55 11.40
N TYR B 235 20.20 -27.42 12.20
CA TYR B 235 20.33 -27.67 13.63
C TYR B 235 20.52 -29.15 13.91
N PRO B 236 21.28 -29.56 14.97
CA PRO B 236 21.78 -28.67 16.00
C PRO B 236 23.18 -28.15 15.65
N LEU B 237 23.56 -27.00 16.21
CA LEU B 237 24.87 -26.41 15.84
C LEU B 237 25.98 -27.36 16.29
N THR B 238 26.98 -27.58 15.45
CA THR B 238 28.12 -28.47 15.81
C THR B 238 29.41 -27.66 15.66
N PHE B 239 30.27 -27.73 16.68
CA PHE B 239 31.55 -26.98 16.64
C PHE B 239 32.70 -27.95 16.41
N GLY B 240 33.93 -27.48 16.55
CA GLY B 240 35.09 -28.33 16.43
C GLY B 240 35.75 -28.60 17.78
N ALA B 241 36.78 -29.44 17.74
CA ALA B 241 37.48 -29.80 18.98
C ALA B 241 38.20 -28.60 19.59
N GLY B 242 38.87 -27.81 18.76
CA GLY B 242 39.60 -26.66 19.25
C GLY B 242 41.07 -26.67 18.86
N THR B 243 41.53 -25.59 18.23
CA THR B 243 42.92 -25.44 17.82
C THR B 243 43.54 -24.30 18.59
N LYS B 244 44.72 -24.55 19.16
CA LYS B 244 45.40 -23.57 20.00
C LYS B 244 46.65 -23.04 19.31
N LEU B 245 47.02 -21.82 19.67
CA LEU B 245 48.27 -21.21 19.25
C LEU B 245 49.02 -20.74 20.50
N GLU B 246 50.30 -21.11 20.59
CA GLU B 246 51.12 -20.76 21.73
C GLU B 246 52.38 -20.05 21.27
N LEU B 247 52.91 -19.19 22.13
CA LEU B 247 54.11 -18.42 21.83
C LEU B 247 55.36 -19.28 21.94
N LEU C 5 15.04 -24.13 1.61
CA LEU C 5 15.39 -22.97 2.41
C LEU C 5 16.27 -23.35 3.59
N SER C 6 17.26 -22.51 3.90
CA SER C 6 18.13 -22.74 5.04
C SER C 6 17.53 -22.10 6.29
N ALA C 7 18.25 -22.21 7.41
CA ALA C 7 17.77 -21.61 8.65
C ALA C 7 17.74 -20.10 8.55
N GLU C 8 18.77 -19.50 7.95
CA GLU C 8 18.84 -18.06 7.84
C GLU C 8 17.71 -17.52 6.96
N ASP C 9 17.42 -18.20 5.85
CA ASP C 9 16.33 -17.77 4.99
C ASP C 9 14.99 -17.85 5.72
N LYS C 10 14.79 -18.90 6.51
CA LYS C 10 13.56 -19.04 7.27
C LYS C 10 13.42 -17.92 8.30
N ALA C 11 14.52 -17.58 8.98
CA ALA C 11 14.48 -16.48 9.93
C ALA C 11 14.19 -15.15 9.24
N ALA C 12 14.75 -14.96 8.04
CA ALA C 12 14.44 -13.75 7.27
C ALA C 12 12.96 -13.71 6.91
N VAL C 13 12.38 -14.85 6.55
CA VAL C 13 10.96 -14.91 6.25
C VAL C 13 10.15 -14.53 7.49
N GLU C 14 10.55 -15.03 8.65
CA GLU C 14 9.84 -14.68 9.88
C GLU C 14 9.95 -13.20 10.18
N ARG C 15 11.11 -12.61 9.93
CA ARG C 15 11.29 -11.17 10.12
C ARG C 15 10.35 -10.39 9.20
N SER C 16 10.25 -10.81 7.94
CA SER C 16 9.34 -10.14 7.01
C SER C 16 7.90 -10.25 7.48
N LYS C 17 7.51 -11.42 8.00
CA LYS C 17 6.15 -11.59 8.49
C LYS C 17 5.87 -10.66 9.67
N MET C 18 6.83 -10.55 10.60
CA MET C 18 6.62 -9.64 11.73
C MET C 18 6.49 -8.20 11.28
N ILE C 19 7.33 -7.77 10.33
CA ILE C 19 7.24 -6.41 9.82
C ILE C 19 5.90 -6.18 9.14
N ASP C 20 5.42 -7.20 8.42
CA ASP C 20 4.11 -7.08 7.77
C ASP C 20 2.99 -6.93 8.79
N ARG C 21 3.06 -7.70 9.88
CA ARG C 21 2.05 -7.56 10.94
C ARG C 21 2.06 -6.15 11.51
N ASN C 22 3.24 -5.62 11.81
CA ASN C 22 3.33 -4.27 12.37
C ASN C 22 2.78 -3.24 11.39
N LEU C 23 3.13 -3.37 10.10
CA LEU C 23 2.64 -2.43 9.10
C LEU C 23 1.13 -2.47 8.98
N ARG C 24 0.55 -3.67 8.97
CA ARG C 24 -0.90 -3.78 8.85
C ARG C 24 -1.60 -3.18 10.07
N GLU C 25 -1.05 -3.41 11.26
CA GLU C 25 -1.63 -2.82 12.46
C GLU C 25 -1.57 -1.29 12.40
N ASP C 26 -0.43 -0.75 11.97
CA ASP C 26 -0.31 0.70 11.87
C ASP C 26 -1.29 1.27 10.84
N GLY C 27 -1.44 0.60 9.70
CA GLY C 27 -2.39 1.07 8.70
C GLY C 27 -3.82 1.02 9.19
N GLU C 28 -4.20 -0.04 9.90
CA GLU C 28 -5.53 -0.13 10.46
C GLU C 28 -5.78 0.98 11.48
N LYS C 29 -4.76 1.27 12.31
CA LYS C 29 -4.90 2.37 13.27
C LYS C 29 -5.07 3.71 12.56
N ALA C 30 -4.29 3.94 11.50
CA ALA C 30 -4.32 5.22 10.80
C ALA C 30 -5.54 5.36 9.89
N ALA C 31 -6.25 4.27 9.59
CA ALA C 31 -7.41 4.38 8.71
C ALA C 31 -8.59 5.07 9.40
N ARG C 32 -8.66 4.99 10.73
CA ARG C 32 -9.77 5.58 11.48
C ARG C 32 -9.46 7.01 11.91
N GLU C 33 -9.08 7.85 10.95
CA GLU C 33 -8.75 9.25 11.24
C GLU C 33 -9.12 10.09 10.04
N VAL C 34 -10.00 11.05 10.24
CA VAL C 34 -10.47 11.93 9.18
C VAL C 34 -9.55 13.13 9.07
N LYS C 35 -9.40 13.65 7.85
CA LYS C 35 -8.42 14.67 7.55
C LYS C 35 -9.09 15.94 7.04
N LEU C 36 -8.65 17.07 7.58
CA LEU C 36 -9.12 18.39 7.17
C LEU C 36 -7.94 19.20 6.67
N LEU C 37 -8.10 19.81 5.50
CA LEU C 37 -7.09 20.69 4.94
C LEU C 37 -7.53 22.13 5.10
N LEU C 38 -6.71 22.94 5.78
CA LEU C 38 -7.07 24.30 6.15
C LEU C 38 -6.42 25.30 5.20
N LEU C 39 -7.23 26.20 4.64
CA LEU C 39 -6.75 27.22 3.73
C LEU C 39 -7.39 28.56 4.07
N GLY C 40 -6.63 29.63 3.88
CA GLY C 40 -7.11 30.96 4.19
C GLY C 40 -6.27 32.01 3.49
N ALA C 41 -6.76 33.25 3.56
CA ALA C 41 -6.09 34.38 2.93
C ALA C 41 -5.00 34.92 3.87
N GLY C 42 -3.96 34.11 4.03
CA GLY C 42 -2.87 34.47 4.93
C GLY C 42 -3.37 34.60 6.35
N GLU C 43 -3.01 35.71 7.00
CA GLU C 43 -3.44 36.00 8.37
C GLU C 43 -4.78 36.72 8.32
N SER C 44 -5.84 35.95 8.07
CA SER C 44 -7.19 36.48 8.03
C SER C 44 -8.03 36.01 9.21
N GLY C 45 -8.18 34.71 9.38
CA GLY C 45 -8.86 34.18 10.55
C GLY C 45 -8.32 32.84 11.01
N LYS C 46 -7.23 32.38 10.38
CA LYS C 46 -6.73 31.04 10.64
C LYS C 46 -6.26 30.89 12.08
N SER C 47 -5.61 31.93 12.62
CA SER C 47 -5.06 31.84 13.97
C SER C 47 -6.15 31.58 15.00
N THR C 48 -7.30 32.24 14.86
CA THR C 48 -8.40 31.99 15.78
C THR C 48 -8.94 30.57 15.64
N ILE C 49 -9.08 30.10 14.40
CA ILE C 49 -9.59 28.74 14.17
C ILE C 49 -8.63 27.70 14.74
N VAL C 50 -7.34 28.03 14.82
CA VAL C 50 -6.37 27.12 15.42
C VAL C 50 -6.28 27.28 16.93
N LYS C 51 -6.66 28.45 17.47
CA LYS C 51 -6.48 28.72 18.89
C LYS C 51 -7.29 27.75 19.77
N GLN C 52 -8.53 27.48 19.41
CA GLN C 52 -9.36 26.58 20.20
C GLN C 52 -9.05 25.12 19.88
N THR C 182 8.87 24.76 9.61
CA THR C 182 9.05 25.83 8.64
C THR C 182 8.18 25.56 7.41
N GLY C 183 7.85 24.29 7.19
CA GLY C 183 6.99 23.93 6.08
C GLY C 183 5.52 23.96 6.49
N ILE C 184 4.83 22.84 6.31
CA ILE C 184 3.44 22.75 6.73
C ILE C 184 3.39 22.44 8.22
N VAL C 185 2.28 22.81 8.86
CA VAL C 185 2.13 22.62 10.30
C VAL C 185 0.86 21.81 10.56
N GLU C 186 0.97 20.82 11.44
CA GLU C 186 -0.10 19.87 11.71
C GLU C 186 -0.66 20.07 13.11
N THR C 187 -1.96 19.82 13.24
CA THR C 187 -2.66 19.88 14.51
C THR C 187 -3.43 18.59 14.72
N HIS C 188 -3.54 18.17 15.98
CA HIS C 188 -3.99 16.83 16.35
C HIS C 188 -5.04 16.89 17.45
N PHE C 189 -6.05 17.73 17.29
CA PHE C 189 -7.10 17.80 18.31
C PHE C 189 -8.10 16.66 18.14
N THR C 190 -8.78 16.33 19.23
CA THR C 190 -9.78 15.27 19.27
C THR C 190 -11.06 15.79 19.89
N PHE C 191 -12.18 15.16 19.54
CA PHE C 191 -13.48 15.59 20.06
C PHE C 191 -14.49 14.48 19.88
N LYS C 192 -15.10 14.04 20.98
CA LYS C 192 -16.22 13.11 20.98
C LYS C 192 -15.87 11.80 20.28
N ASP C 193 -14.85 11.13 20.81
CA ASP C 193 -14.43 9.81 20.33
C ASP C 193 -14.09 9.81 18.85
N LEU C 194 -13.50 10.92 18.38
CA LEU C 194 -13.03 11.03 17.01
C LEU C 194 -11.72 11.80 16.99
N HIS C 195 -10.76 11.31 16.21
CA HIS C 195 -9.44 11.91 16.12
C HIS C 195 -9.35 12.71 14.83
N PHE C 196 -8.99 13.99 14.97
CA PHE C 196 -8.93 14.92 13.85
C PHE C 196 -7.48 15.28 13.56
N LYS C 197 -7.16 15.39 12.27
CA LYS C 197 -5.83 15.79 11.83
C LYS C 197 -5.98 16.97 10.88
N MET C 198 -5.34 18.08 11.19
CA MET C 198 -5.47 19.32 10.44
C MET C 198 -4.12 19.73 9.87
N PHE C 199 -4.11 20.06 8.58
CA PHE C 199 -2.91 20.55 7.89
C PHE C 199 -3.08 22.02 7.58
N ASP C 200 -2.07 22.82 7.90
CA ASP C 200 -2.02 24.22 7.52
C ASP C 200 -0.80 24.38 6.61
N VAL C 201 -1.03 24.89 5.41
CA VAL C 201 -0.02 24.97 4.36
C VAL C 201 0.13 26.39 3.85
N GLY C 202 -0.27 27.38 4.65
CA GLY C 202 -0.17 28.77 4.23
C GLY C 202 1.24 29.29 4.12
N ALA C 203 2.21 28.58 4.69
CA ALA C 203 3.60 28.98 4.64
C ALA C 203 4.40 28.43 3.50
N GLN C 204 3.75 27.86 2.48
CA GLN C 204 4.48 27.26 1.36
C GLN C 204 5.06 28.33 0.45
N ARG C 205 4.20 29.20 -0.10
CA ARG C 205 4.62 30.30 -0.96
C ARG C 205 5.39 29.79 -2.18
N SER C 206 4.81 28.79 -2.85
CA SER C 206 5.37 28.25 -4.09
C SER C 206 4.21 27.90 -5.02
N GLU C 207 4.52 27.15 -6.07
CA GLU C 207 3.50 26.77 -7.05
C GLU C 207 2.63 25.67 -6.45
N ARG C 208 1.36 25.99 -6.19
CA ARG C 208 0.47 25.05 -5.51
C ARG C 208 -0.02 23.94 -6.42
N LYS C 209 0.09 24.10 -7.75
CA LYS C 209 -0.39 23.06 -8.65
C LYS C 209 0.53 21.85 -8.69
N LYS C 210 1.75 21.96 -8.18
CA LYS C 210 2.71 20.87 -8.23
C LYS C 210 2.75 20.02 -6.96
N TRP C 211 1.94 20.35 -5.95
CA TRP C 211 1.86 19.52 -4.76
C TRP C 211 0.46 19.36 -4.21
N ILE C 212 -0.58 19.89 -4.88
CA ILE C 212 -1.93 19.79 -4.34
C ILE C 212 -2.44 18.35 -4.42
N HIS C 213 -1.97 17.57 -5.39
CA HIS C 213 -2.46 16.22 -5.56
C HIS C 213 -2.11 15.31 -4.40
N CYS C 214 -1.19 15.72 -3.52
CA CYS C 214 -0.92 14.95 -2.31
C CYS C 214 -2.13 14.89 -1.40
N PHE C 215 -3.02 15.89 -1.48
CA PHE C 215 -4.18 15.98 -0.61
C PHE C 215 -5.45 15.49 -1.29
N GLU C 216 -5.36 14.46 -2.12
CA GLU C 216 -6.53 13.98 -2.85
C GLU C 216 -7.51 13.25 -1.93
N GLY C 217 -7.02 12.67 -0.84
CA GLY C 217 -7.87 11.85 0.01
C GLY C 217 -8.35 12.50 1.29
N VAL C 218 -8.31 13.83 1.36
CA VAL C 218 -8.72 14.52 2.59
C VAL C 218 -10.22 14.39 2.77
N THR C 219 -10.65 14.29 4.02
CA THR C 219 -12.08 14.22 4.31
C THR C 219 -12.78 15.53 3.97
N ALA C 220 -12.16 16.67 4.31
CA ALA C 220 -12.82 17.94 4.03
C ALA C 220 -11.79 19.06 3.92
N ILE C 221 -12.25 20.18 3.37
CA ILE C 221 -11.46 21.40 3.23
C ILE C 221 -12.13 22.51 4.02
N ILE C 222 -11.36 23.19 4.86
CA ILE C 222 -11.82 24.35 5.62
C ILE C 222 -11.28 25.59 4.93
N PHE C 223 -12.16 26.54 4.66
CA PHE C 223 -11.81 27.79 4.00
C PHE C 223 -12.13 28.95 4.93
N CYS C 224 -11.13 29.80 5.19
CA CYS C 224 -11.28 30.93 6.08
C CYS C 224 -11.30 32.21 5.26
N VAL C 225 -12.38 32.98 5.40
CA VAL C 225 -12.56 34.26 4.71
C VAL C 225 -12.99 35.29 5.74
N ALA C 226 -12.38 36.46 5.70
CA ALA C 226 -12.71 37.53 6.63
C ALA C 226 -13.79 38.42 6.03
N LEU C 227 -14.86 38.65 6.79
CA LEU C 227 -15.94 39.51 6.33
C LEU C 227 -15.57 40.98 6.36
N SER C 228 -14.54 41.35 7.12
CA SER C 228 -14.05 42.73 7.13
C SER C 228 -13.14 43.03 5.94
N ASP C 229 -12.94 42.05 5.05
CA ASP C 229 -12.06 42.25 3.91
C ASP C 229 -12.60 43.27 2.91
N TYR C 230 -13.89 43.58 2.93
CA TYR C 230 -14.38 44.63 2.06
C TYR C 230 -13.86 45.96 2.56
N ASP C 231 -13.62 46.89 1.62
CA ASP C 231 -12.73 48.07 1.72
C ASP C 231 -11.36 47.51 2.10
N LEU C 232 -10.54 48.23 2.87
CA LEU C 232 -9.20 47.77 3.23
C LEU C 232 -8.43 47.27 2.00
N VAL C 233 -8.61 47.98 0.90
CA VAL C 233 -8.14 47.52 -0.40
C VAL C 233 -6.62 47.56 -0.46
N LEU C 234 -6.07 46.92 -1.50
CA LEU C 234 -4.61 46.99 -1.77
C LEU C 234 -3.77 46.38 -0.64
N ALA C 235 -4.29 45.40 0.08
CA ALA C 235 -3.44 44.72 1.05
C ALA C 235 -2.28 44.02 0.37
N GLU C 236 -2.57 43.32 -0.73
CA GLU C 236 -1.53 42.83 -1.61
C GLU C 236 -0.85 44.00 -2.31
N ASP C 237 0.35 43.75 -2.85
CA ASP C 237 1.11 44.82 -3.49
C ASP C 237 0.34 45.41 -4.66
N GLU C 238 -0.30 44.57 -5.46
CA GLU C 238 -1.12 45.06 -6.57
C GLU C 238 -2.42 45.65 -6.04
N GLU C 239 -3.03 46.51 -6.86
CA GLU C 239 -4.22 47.25 -6.46
C GLU C 239 -5.48 46.42 -6.73
N MET C 240 -5.89 45.68 -5.70
CA MET C 240 -7.11 44.89 -5.72
C MET C 240 -7.55 44.60 -4.28
N ASN C 241 -8.86 44.49 -4.09
CA ASN C 241 -9.41 44.25 -2.77
C ASN C 241 -9.06 42.84 -2.30
N ARG C 242 -8.98 42.67 -0.98
CA ARG C 242 -8.80 41.34 -0.40
C ARG C 242 -9.93 40.40 -0.81
N MET C 243 -11.14 40.92 -0.95
CA MET C 243 -12.27 40.05 -1.16
C MET C 243 -12.22 39.37 -2.53
N HIS C 244 -11.76 40.10 -3.55
CA HIS C 244 -11.67 39.51 -4.88
C HIS C 244 -10.59 38.44 -4.94
N GLU C 245 -9.46 38.64 -4.27
CA GLU C 245 -8.44 37.60 -4.25
C GLU C 245 -8.89 36.40 -3.43
N SER C 246 -9.65 36.62 -2.36
CA SER C 246 -10.22 35.49 -1.63
C SER C 246 -11.20 34.71 -2.52
N MET C 247 -12.01 35.42 -3.31
CA MET C 247 -12.89 34.75 -4.26
C MET C 247 -12.10 33.97 -5.29
N LYS C 248 -10.99 34.53 -5.77
CA LYS C 248 -10.17 33.82 -6.74
C LYS C 248 -9.60 32.54 -6.16
N LEU C 249 -9.11 32.61 -4.91
CA LEU C 249 -8.60 31.41 -4.25
C LEU C 249 -9.70 30.37 -4.08
N PHE C 250 -10.90 30.80 -3.67
CA PHE C 250 -12.00 29.86 -3.51
C PHE C 250 -12.37 29.21 -4.83
N ASP C 251 -12.40 29.99 -5.92
CA ASP C 251 -12.73 29.42 -7.22
C ASP C 251 -11.65 28.45 -7.68
N SER C 252 -10.39 28.75 -7.38
CA SER C 252 -9.31 27.84 -7.73
C SER C 252 -9.43 26.52 -6.98
N ILE C 253 -9.78 26.58 -5.70
CA ILE C 253 -9.80 25.36 -4.89
C ILE C 253 -11.04 24.52 -5.19
N CYS C 254 -12.22 25.15 -5.25
CA CYS C 254 -13.46 24.40 -5.29
C CYS C 254 -13.90 24.01 -6.70
N ASN C 255 -13.10 24.33 -7.72
CA ASN C 255 -13.30 23.79 -9.07
C ASN C 255 -12.09 23.02 -9.57
N ASN C 256 -11.20 22.61 -8.67
CA ASN C 256 -9.98 21.93 -9.09
C ASN C 256 -10.29 20.53 -9.62
N LYS C 257 -9.38 20.03 -10.45
CA LYS C 257 -9.57 18.70 -11.04
C LYS C 257 -9.53 17.61 -9.97
N TRP C 258 -8.62 17.74 -9.00
CA TRP C 258 -8.46 16.68 -8.00
C TRP C 258 -9.61 16.68 -7.00
N PHE C 259 -10.07 17.87 -6.59
CA PHE C 259 -11.14 17.98 -5.60
C PHE C 259 -12.50 18.00 -6.29
N THR C 260 -12.85 16.85 -6.86
CA THR C 260 -14.13 16.70 -7.55
C THR C 260 -15.21 16.10 -6.65
N ASP C 261 -14.88 15.63 -5.46
CA ASP C 261 -15.87 15.02 -4.58
C ASP C 261 -15.70 15.41 -3.11
N THR C 262 -15.08 16.54 -2.81
CA THR C 262 -14.85 16.97 -1.44
C THR C 262 -15.67 18.22 -1.13
N SER C 263 -16.15 18.29 0.11
CA SER C 263 -16.98 19.41 0.55
C SER C 263 -16.11 20.50 1.18
N ILE C 264 -16.74 21.65 1.41
CA ILE C 264 -16.08 22.81 1.99
C ILE C 264 -16.87 23.26 3.22
N ILE C 265 -16.15 23.69 4.26
CA ILE C 265 -16.75 24.05 5.54
C ILE C 265 -16.51 25.54 5.78
N LEU C 266 -16.58 26.32 4.70
CA LEU C 266 -16.25 27.74 4.68
C LEU C 266 -16.70 28.48 5.94
N PHE C 267 -15.76 29.14 6.60
CA PHE C 267 -16.03 29.99 7.75
C PHE C 267 -16.01 31.46 7.32
N LEU C 268 -16.74 32.27 8.06
CA LEU C 268 -16.72 33.73 7.89
C LEU C 268 -16.28 34.34 9.21
N ASN C 269 -15.09 34.94 9.23
CA ASN C 269 -14.38 35.15 10.48
C ASN C 269 -14.69 36.48 11.16
N LYS C 270 -14.77 37.57 10.42
CA LYS C 270 -14.87 38.91 11.02
C LYS C 270 -16.35 39.31 11.05
N LYS C 271 -17.02 38.96 12.14
CA LYS C 271 -18.47 39.18 12.22
C LYS C 271 -18.84 40.49 12.88
N ASP C 272 -18.06 40.96 13.85
CA ASP C 272 -18.43 42.17 14.58
C ASP C 272 -17.65 43.42 14.18
N LEU C 273 -16.49 43.29 13.52
CA LEU C 273 -15.92 44.43 12.83
C LEU C 273 -16.78 44.84 11.64
N PHE C 274 -17.46 43.87 11.03
CA PHE C 274 -18.28 44.13 9.86
C PHE C 274 -19.40 45.10 10.18
N GLU C 275 -20.03 44.95 11.35
CA GLU C 275 -21.11 45.84 11.73
C GLU C 275 -20.65 47.29 11.75
N GLU C 276 -19.52 47.55 12.42
CA GLU C 276 -19.00 48.92 12.49
C GLU C 276 -18.59 49.41 11.11
N LYS C 277 -17.96 48.57 10.31
CA LYS C 277 -17.51 49.01 8.99
C LYS C 277 -18.67 49.41 8.11
N ILE C 278 -19.74 48.60 8.07
CA ILE C 278 -20.91 48.96 7.28
C ILE C 278 -21.72 50.07 7.92
N LYS C 279 -21.55 50.32 9.22
CA LYS C 279 -22.12 51.52 9.82
C LYS C 279 -21.43 52.77 9.28
N LYS C 280 -20.09 52.78 9.30
CA LYS C 280 -19.36 53.97 8.91
C LYS C 280 -19.19 54.11 7.40
N SER C 281 -19.15 52.99 6.66
CA SER C 281 -18.89 53.05 5.23
C SER C 281 -19.77 52.03 4.50
N PRO C 282 -20.47 52.46 3.46
CA PRO C 282 -21.35 51.54 2.72
C PRO C 282 -20.57 50.60 1.82
N LEU C 283 -21.30 49.68 1.20
CA LEU C 283 -20.74 48.69 0.28
C LEU C 283 -20.72 49.30 -1.12
N THR C 284 -19.64 50.02 -1.42
CA THR C 284 -19.55 50.73 -2.68
C THR C 284 -18.26 50.41 -3.43
N ILE C 285 -17.17 50.15 -2.69
CA ILE C 285 -15.88 49.92 -3.33
C ILE C 285 -15.88 48.65 -4.17
N CYS C 286 -16.86 47.78 -3.98
CA CYS C 286 -17.04 46.60 -4.81
C CYS C 286 -18.52 46.25 -4.83
N TYR C 287 -18.85 45.15 -5.51
CA TYR C 287 -20.24 44.75 -5.74
C TYR C 287 -21.04 45.89 -6.35
N PRO C 288 -20.88 46.17 -7.63
CA PRO C 288 -21.68 47.23 -8.26
C PRO C 288 -23.18 47.01 -8.13
N GLU C 289 -23.62 45.76 -8.04
CA GLU C 289 -25.03 45.48 -7.79
C GLU C 289 -25.41 45.90 -6.37
N TYR C 290 -26.71 46.04 -6.15
CA TYR C 290 -27.21 46.54 -4.88
C TYR C 290 -26.96 45.54 -3.75
N ALA C 291 -26.68 46.09 -2.56
CA ALA C 291 -26.54 45.30 -1.35
C ALA C 291 -27.79 45.35 -0.48
N GLY C 292 -28.86 46.00 -0.95
CA GLY C 292 -30.08 46.15 -0.18
C GLY C 292 -30.07 47.38 0.70
N SER C 293 -29.32 47.34 1.78
CA SER C 293 -29.17 48.48 2.68
C SER C 293 -27.89 48.28 3.47
N ASN C 294 -27.73 49.04 4.56
CA ASN C 294 -26.52 49.04 5.36
C ASN C 294 -26.76 48.35 6.71
N THR C 295 -27.51 47.25 6.70
CA THR C 295 -27.69 46.44 7.89
C THR C 295 -26.93 45.12 7.75
N TYR C 296 -26.62 44.52 8.89
CA TYR C 296 -25.81 43.31 8.91
C TYR C 296 -26.51 42.15 8.20
N GLU C 297 -27.83 42.05 8.35
CA GLU C 297 -28.55 40.87 7.88
C GLU C 297 -28.38 40.65 6.39
N GLU C 298 -28.87 41.58 5.57
CA GLU C 298 -28.84 41.35 4.14
C GLU C 298 -27.43 41.50 3.57
N ALA C 299 -26.57 42.27 4.23
CA ALA C 299 -25.18 42.32 3.79
C ALA C 299 -24.53 40.94 3.89
N ALA C 300 -24.65 40.31 5.06
CA ALA C 300 -24.10 38.97 5.24
C ALA C 300 -24.79 37.97 4.30
N ALA C 301 -26.09 38.12 4.10
CA ALA C 301 -26.80 37.23 3.20
C ALA C 301 -26.27 37.33 1.78
N TYR C 302 -26.03 38.55 1.29
CA TYR C 302 -25.50 38.73 -0.05
C TYR C 302 -24.08 38.17 -0.16
N ILE C 303 -23.25 38.38 0.87
CA ILE C 303 -21.90 37.85 0.84
C ILE C 303 -21.93 36.32 0.76
N GLN C 304 -22.75 35.69 1.60
CA GLN C 304 -22.82 34.24 1.62
C GLN C 304 -23.38 33.70 0.31
N CYS C 305 -24.39 34.35 -0.25
CA CYS C 305 -24.95 33.91 -1.53
C CYS C 305 -23.93 34.04 -2.65
N GLN C 306 -23.15 35.12 -2.65
CA GLN C 306 -22.17 35.31 -3.71
C GLN C 306 -21.00 34.35 -3.57
N PHE C 307 -20.65 33.94 -2.35
CA PHE C 307 -19.61 32.93 -2.20
C PHE C 307 -20.11 31.53 -2.54
N GLU C 308 -21.36 31.21 -2.18
CA GLU C 308 -21.84 29.85 -2.29
C GLU C 308 -22.16 29.43 -3.72
N ASP C 309 -22.17 30.34 -4.68
CA ASP C 309 -22.51 30.01 -6.06
C ASP C 309 -21.30 30.02 -7.00
N LEU C 310 -20.09 30.15 -6.46
CA LEU C 310 -18.91 30.08 -7.31
C LEU C 310 -18.68 28.69 -7.87
N ASN C 311 -19.08 27.66 -7.14
CA ASN C 311 -18.86 26.29 -7.59
C ASN C 311 -19.82 25.94 -8.73
N LYS C 312 -19.41 24.97 -9.54
CA LYS C 312 -20.18 24.55 -10.70
C LYS C 312 -20.82 23.18 -10.53
N ARG C 313 -20.18 22.26 -9.81
CA ARG C 313 -20.73 20.93 -9.59
C ARG C 313 -21.54 20.96 -8.30
N LYS C 314 -22.78 21.45 -8.42
CA LYS C 314 -23.65 21.62 -7.27
C LYS C 314 -24.17 20.30 -6.71
N ASP C 315 -23.96 19.20 -7.41
CA ASP C 315 -24.45 17.89 -6.97
C ASP C 315 -23.39 17.06 -6.26
N THR C 316 -22.14 17.13 -6.70
CA THR C 316 -21.08 16.29 -6.14
C THR C 316 -20.47 16.85 -4.86
N LYS C 317 -20.74 18.10 -4.52
CA LYS C 317 -20.14 18.70 -3.33
C LYS C 317 -21.09 19.73 -2.75
N GLU C 318 -20.86 20.07 -1.48
CA GLU C 318 -21.72 21.00 -0.76
C GLU C 318 -20.86 21.95 0.06
N ILE C 319 -21.44 23.11 0.37
CA ILE C 319 -20.80 24.16 1.15
C ILE C 319 -21.66 24.44 2.37
N TYR C 320 -21.01 24.58 3.54
CA TYR C 320 -21.74 24.74 4.84
C TYR C 320 -21.94 26.20 5.26
N THR C 321 -21.09 27.14 4.85
CA THR C 321 -21.34 28.60 5.06
C THR C 321 -21.65 29.01 6.52
N HIS C 322 -20.88 28.55 7.49
CA HIS C 322 -21.11 29.01 8.89
C HIS C 322 -20.46 30.35 9.22
N PHE C 323 -21.11 31.17 10.05
CA PHE C 323 -20.56 32.42 10.57
C PHE C 323 -19.90 32.16 11.92
N THR C 324 -18.91 32.99 12.25
CA THR C 324 -18.20 32.83 13.50
C THR C 324 -17.78 34.19 14.03
N CYS C 325 -17.60 34.26 15.35
CA CYS C 325 -17.16 35.46 16.04
C CYS C 325 -15.98 35.11 16.93
N SER C 326 -15.46 36.11 17.64
CA SER C 326 -14.32 35.89 18.52
C SER C 326 -14.68 35.09 19.77
N THR C 327 -15.89 35.25 20.29
CA THR C 327 -16.29 34.58 21.52
C THR C 327 -17.14 33.34 21.28
N ASP C 328 -17.35 32.94 20.02
CA ASP C 328 -18.13 31.75 19.74
C ASP C 328 -17.38 30.50 20.18
N THR C 329 -18.11 29.56 20.76
CA THR C 329 -17.53 28.32 21.27
C THR C 329 -18.25 27.09 20.72
N LYS C 330 -18.74 27.17 19.48
CA LYS C 330 -19.47 26.06 18.86
C LYS C 330 -18.94 25.72 17.47
N ASN C 331 -17.68 26.06 17.18
CA ASN C 331 -17.14 25.79 15.85
C ASN C 331 -16.85 24.30 15.67
N VAL C 332 -16.27 23.67 16.68
CA VAL C 332 -15.93 22.26 16.58
C VAL C 332 -17.18 21.40 16.40
N GLN C 333 -18.30 21.81 17.00
CA GLN C 333 -19.55 21.09 16.80
C GLN C 333 -19.99 21.16 15.34
N PHE C 334 -19.86 22.32 14.70
CA PHE C 334 -20.20 22.45 13.30
C PHE C 334 -19.30 21.58 12.43
N VAL C 335 -17.99 21.58 12.72
CA VAL C 335 -17.08 20.75 11.95
C VAL C 335 -17.42 19.27 12.12
N PHE C 336 -17.78 18.88 13.35
CA PHE C 336 -18.19 17.50 13.61
C PHE C 336 -19.42 17.12 12.80
N ASP C 337 -20.41 18.01 12.77
CA ASP C 337 -21.63 17.72 12.01
C ASP C 337 -21.32 17.58 10.52
N ALA C 338 -20.51 18.49 9.98
CA ALA C 338 -20.16 18.39 8.56
C ALA C 338 -19.41 17.10 8.27
N VAL C 339 -18.46 16.73 9.13
CA VAL C 339 -17.67 15.51 8.89
C VAL C 339 -18.57 14.29 8.95
N THR C 340 -19.50 14.25 9.90
CA THR C 340 -20.45 13.13 9.98
C THR C 340 -21.30 13.05 8.73
N ASP C 341 -21.74 14.20 8.21
CA ASP C 341 -22.54 14.21 6.98
C ASP C 341 -21.76 13.63 5.81
N VAL C 342 -20.50 14.05 5.65
CA VAL C 342 -19.70 13.53 4.55
C VAL C 342 -19.45 12.04 4.72
N ILE C 343 -19.21 11.59 5.95
CA ILE C 343 -18.99 10.17 6.19
C ILE C 343 -20.23 9.36 5.81
N ILE C 344 -21.40 9.85 6.19
CA ILE C 344 -22.65 9.16 5.85
C ILE C 344 -22.82 9.10 4.34
N LYS C 345 -22.55 10.20 3.65
CA LYS C 345 -22.69 10.21 2.20
C LYS C 345 -21.74 9.22 1.55
N ASN C 346 -20.48 9.18 2.01
CA ASN C 346 -19.52 8.23 1.45
C ASN C 346 -19.94 6.79 1.71
N ASN C 347 -20.44 6.50 2.91
CA ASN C 347 -20.89 5.14 3.21
C ASN C 347 -22.06 4.74 2.33
N LEU C 348 -23.02 5.66 2.12
CA LEU C 348 -24.14 5.34 1.24
C LEU C 348 -23.67 5.11 -0.19
N LYS C 349 -22.72 5.92 -0.67
CA LYS C 349 -22.22 5.74 -2.03
C LYS C 349 -21.45 4.44 -2.18
N ASP C 350 -20.76 3.99 -1.13
CA ASP C 350 -19.96 2.77 -1.21
C ASP C 350 -20.85 1.54 -1.42
N CYS C 351 -21.98 1.46 -0.73
CA CYS C 351 -22.83 0.28 -0.77
C CYS C 351 -23.73 0.23 -2.00
N GLY C 352 -23.49 1.07 -3.00
CA GLY C 352 -24.28 1.05 -4.21
C GLY C 352 -25.74 1.40 -4.01
N LEU C 353 -26.02 2.44 -3.23
CA LEU C 353 -27.40 2.85 -2.97
C LEU C 353 -27.65 4.33 -3.27
N PHE C 354 -26.63 5.18 -3.12
CA PHE C 354 -26.76 6.61 -3.39
C PHE C 354 -27.16 6.88 -4.83
N GLU D 21 22.11 51.65 -19.18
CA GLU D 21 20.72 51.69 -18.72
C GLU D 21 20.11 50.30 -18.75
N LEU D 22 18.98 50.13 -18.07
CA LEU D 22 18.31 48.84 -18.01
C LEU D 22 17.87 48.39 -19.39
N ASP D 23 17.35 49.31 -20.20
CA ASP D 23 16.96 48.97 -21.57
C ASP D 23 18.15 48.53 -22.40
N GLN D 24 19.29 49.21 -22.23
CA GLN D 24 20.50 48.82 -22.95
C GLN D 24 20.95 47.42 -22.54
N LEU D 25 20.90 47.12 -21.25
CA LEU D 25 21.28 45.79 -20.78
C LEU D 25 20.34 44.72 -21.32
N ARG D 26 19.03 45.01 -21.35
CA ARG D 26 18.08 44.05 -21.90
C ARG D 26 18.31 43.82 -23.39
N GLN D 27 18.60 44.89 -24.13
CA GLN D 27 18.88 44.75 -25.55
C GLN D 27 20.14 43.93 -25.78
N GLU D 28 21.18 44.17 -24.97
CA GLU D 28 22.40 43.38 -25.08
C GLU D 28 22.15 41.91 -24.76
N ALA D 29 21.30 41.65 -23.76
CA ALA D 29 20.96 40.27 -23.43
C ALA D 29 20.22 39.59 -24.57
N GLU D 30 19.29 40.31 -25.21
CA GLU D 30 18.59 39.75 -26.36
C GLU D 30 19.55 39.47 -27.51
N GLN D 31 20.50 40.38 -27.76
CA GLN D 31 21.48 40.16 -28.80
C GLN D 31 22.36 38.95 -28.48
N LEU D 32 22.73 38.78 -27.21
CA LEU D 32 23.53 37.62 -26.81
C LEU D 32 22.74 36.32 -26.98
N LYS D 33 21.45 36.34 -26.68
CA LYS D 33 20.62 35.16 -26.90
C LYS D 33 20.55 34.82 -28.38
N ASN D 34 20.41 35.83 -29.24
CA ASN D 34 20.43 35.59 -30.68
C ASN D 34 21.78 35.05 -31.12
N GLN D 35 22.86 35.54 -30.50
CA GLN D 35 24.20 35.02 -30.80
C GLN D 35 24.29 33.54 -30.46
N ILE D 36 23.77 33.15 -29.29
CA ILE D 36 23.77 31.75 -28.90
C ILE D 36 22.96 30.93 -29.90
N ARG D 37 21.81 31.46 -30.33
CA ARG D 37 20.97 30.74 -31.27
C ARG D 37 21.68 30.51 -32.59
N ASP D 38 22.33 31.55 -33.13
CA ASP D 38 22.99 31.39 -34.42
C ASP D 38 24.22 30.50 -34.31
N ALA D 39 24.93 30.55 -33.17
CA ALA D 39 26.03 29.62 -32.98
C ALA D 39 25.55 28.18 -32.96
N ARG D 40 24.45 27.92 -32.25
CA ARG D 40 23.90 26.56 -32.22
C ARG D 40 23.49 26.10 -33.61
N LYS D 41 22.86 26.99 -34.37
CA LYS D 41 22.47 26.65 -35.74
C LYS D 41 23.71 26.35 -36.59
N ALA D 42 24.76 27.15 -36.43
CA ALA D 42 25.97 26.94 -37.22
C ALA D 42 26.64 25.62 -36.88
N CYS D 43 26.59 25.22 -35.61
CA CYS D 43 27.25 23.98 -35.21
C CYS D 43 26.57 22.73 -35.74
N ALA D 44 25.36 22.83 -36.28
CA ALA D 44 24.57 21.67 -36.68
C ALA D 44 24.77 21.37 -38.16
N ASP D 45 24.87 20.08 -38.49
CA ASP D 45 24.99 19.63 -39.87
C ASP D 45 23.80 18.78 -40.29
N ALA D 46 23.52 17.71 -39.55
CA ALA D 46 22.43 16.79 -39.88
C ALA D 46 21.70 16.43 -38.59
N THR D 47 20.83 15.43 -38.67
CA THR D 47 20.04 14.98 -37.54
C THR D 47 20.42 13.56 -37.15
N LEU D 48 20.32 13.26 -35.85
CA LEU D 48 20.66 11.92 -35.38
C LEU D 48 19.72 10.88 -35.96
N SER D 49 18.46 11.23 -36.19
CA SER D 49 17.55 10.30 -36.84
C SER D 49 17.95 10.04 -38.29
N GLN D 50 18.63 10.99 -38.92
CA GLN D 50 19.09 10.79 -40.29
C GLN D 50 20.25 9.82 -40.35
N ILE D 51 21.22 9.97 -39.44
CA ILE D 51 22.42 9.13 -39.47
C ILE D 51 22.06 7.67 -39.18
N THR D 52 21.21 7.43 -38.17
CA THR D 52 20.85 6.07 -37.81
C THR D 52 19.74 5.53 -38.70
N ASN D 53 19.93 5.61 -40.02
CA ASN D 53 18.97 5.11 -40.98
C ASN D 53 19.38 3.77 -41.57
N ASN D 54 20.50 3.19 -41.14
CA ASN D 54 20.98 1.91 -41.65
C ASN D 54 21.25 0.90 -40.55
N ILE D 55 20.83 1.18 -39.32
CA ILE D 55 21.03 0.26 -38.21
C ILE D 55 19.75 -0.55 -38.00
N ASP D 56 19.91 -1.85 -37.84
CA ASP D 56 18.76 -2.74 -37.74
C ASP D 56 17.95 -2.43 -36.48
N PRO D 57 16.63 -2.40 -36.56
CA PRO D 57 15.81 -2.09 -35.39
C PRO D 57 15.86 -3.18 -34.35
N VAL D 58 15.56 -2.80 -33.11
CA VAL D 58 15.53 -3.75 -32.01
C VAL D 58 14.34 -4.69 -32.11
N GLY D 59 13.39 -4.40 -33.01
CA GLY D 59 12.21 -5.24 -33.16
C GLY D 59 11.24 -5.09 -32.01
N ARG D 60 10.68 -6.20 -31.55
CA ARG D 60 9.73 -6.22 -30.45
C ARG D 60 10.36 -6.93 -29.26
N ILE D 61 10.24 -6.32 -28.08
CA ILE D 61 10.79 -6.87 -26.85
C ILE D 61 9.67 -6.94 -25.82
N GLN D 62 9.64 -8.04 -25.06
CA GLN D 62 8.51 -8.38 -24.20
C GLN D 62 9.03 -8.72 -22.80
N MET D 63 8.94 -7.77 -21.88
CA MET D 63 9.22 -8.08 -20.48
C MET D 63 7.98 -8.67 -19.82
N ARG D 64 8.20 -9.33 -18.69
CA ARG D 64 7.12 -9.87 -17.89
C ARG D 64 7.43 -9.64 -16.42
N THR D 65 6.37 -9.67 -15.60
CA THR D 65 6.48 -9.39 -14.17
C THR D 65 6.99 -10.64 -13.45
N ARG D 66 8.22 -10.56 -12.95
CA ARG D 66 8.80 -11.69 -12.23
C ARG D 66 8.47 -11.68 -10.75
N ARG D 67 8.40 -10.49 -10.13
CA ARG D 67 8.04 -10.36 -8.74
C ARG D 67 7.04 -9.22 -8.57
N THR D 68 6.25 -9.31 -7.51
CA THR D 68 5.32 -8.25 -7.13
C THR D 68 5.35 -8.09 -5.62
N LEU D 69 5.69 -6.90 -5.15
CA LEU D 69 5.80 -6.62 -3.73
C LEU D 69 4.68 -5.67 -3.32
N ARG D 70 3.93 -6.06 -2.30
CA ARG D 70 2.61 -5.47 -2.01
C ARG D 70 2.49 -5.04 -0.55
N GLY D 71 3.61 -4.69 0.07
CA GLY D 71 3.60 -4.34 1.48
C GLY D 71 3.01 -2.99 1.82
N HIS D 72 3.05 -2.05 0.88
CA HIS D 72 2.63 -0.68 1.17
C HIS D 72 1.11 -0.59 1.29
N LEU D 73 0.66 0.49 1.94
CA LEU D 73 -0.75 0.72 2.19
C LEU D 73 -1.23 2.07 1.68
N ALA D 74 -0.45 2.74 0.83
CA ALA D 74 -0.80 4.05 0.33
C ALA D 74 -0.05 4.28 -0.99
N LYS D 75 -0.05 5.53 -1.45
CA LYS D 75 0.60 5.86 -2.71
C LYS D 75 2.12 5.84 -2.57
N ILE D 76 2.79 5.34 -3.61
CA ILE D 76 4.24 5.24 -3.63
C ILE D 76 4.80 6.42 -4.42
N TYR D 77 5.74 7.16 -3.84
CA TYR D 77 6.29 8.32 -4.53
C TYR D 77 7.67 8.09 -5.12
N ALA D 78 8.61 7.51 -4.37
CA ALA D 78 9.99 7.44 -4.82
C ALA D 78 10.52 6.02 -4.65
N MET D 79 11.53 5.70 -5.45
CA MET D 79 12.25 4.44 -5.35
C MET D 79 13.67 4.64 -5.85
N HIS D 80 14.58 3.78 -5.40
CA HIS D 80 15.96 3.84 -5.86
C HIS D 80 16.61 2.47 -5.71
N TRP D 81 17.26 2.01 -6.76
CA TRP D 81 17.98 0.74 -6.73
C TRP D 81 19.30 0.89 -5.99
N GLY D 82 19.68 -0.15 -5.26
CA GLY D 82 20.98 -0.19 -4.64
C GLY D 82 22.07 -0.48 -5.64
N THR D 83 23.32 -0.35 -5.18
CA THR D 83 24.46 -0.56 -6.06
C THR D 83 24.73 -2.04 -6.31
N ASP D 84 24.17 -2.93 -5.49
CA ASP D 84 24.36 -4.37 -5.66
C ASP D 84 23.28 -5.03 -6.50
N SER D 85 22.31 -4.25 -6.99
CA SER D 85 21.22 -4.76 -7.83
C SER D 85 20.45 -5.87 -7.14
N ARG D 86 20.28 -5.75 -5.82
CA ARG D 86 19.52 -6.75 -5.06
C ARG D 86 18.55 -6.10 -4.08
N LEU D 87 18.80 -4.84 -3.73
CA LEU D 87 18.03 -4.16 -2.69
C LEU D 87 17.26 -2.98 -3.27
N LEU D 88 16.13 -2.66 -2.64
CA LEU D 88 15.29 -1.55 -3.06
C LEU D 88 14.87 -0.73 -1.85
N VAL D 89 14.59 0.55 -2.09
CA VAL D 89 14.04 1.44 -1.08
C VAL D 89 12.82 2.14 -1.67
N SER D 90 11.78 2.32 -0.86
CA SER D 90 10.54 2.90 -1.34
C SER D 90 9.90 3.76 -0.27
N ALA D 91 9.31 4.88 -0.69
CA ALA D 91 8.68 5.84 0.19
C ALA D 91 7.19 5.94 -0.10
N SER D 92 6.37 5.85 0.93
CA SER D 92 4.93 5.86 0.75
C SER D 92 4.29 7.14 1.30
N GLN D 93 2.97 7.12 1.42
CA GLN D 93 2.20 8.25 1.92
C GLN D 93 1.89 7.96 3.39
N ASP D 94 2.93 7.63 4.15
CA ASP D 94 2.85 7.46 5.59
C ASP D 94 4.28 7.38 6.10
N GLY D 95 4.43 7.10 7.40
CA GLY D 95 5.76 6.90 7.92
C GLY D 95 6.06 5.50 7.44
N LYS D 96 6.60 5.39 6.23
CA LYS D 96 6.81 4.10 5.57
C LYS D 96 7.94 4.31 4.57
N LEU D 97 9.16 3.97 5.01
CA LEU D 97 10.34 3.84 4.16
C LEU D 97 10.72 2.36 4.21
N ILE D 98 10.43 1.61 3.16
CA ILE D 98 10.60 0.17 3.17
C ILE D 98 11.81 -0.20 2.33
N ILE D 99 12.69 -1.03 2.89
CA ILE D 99 13.85 -1.57 2.19
C ILE D 99 13.58 -3.05 1.93
N TRP D 100 13.43 -3.39 0.66
CA TRP D 100 13.13 -4.75 0.21
C TRP D 100 14.37 -5.44 -0.33
N ASP D 101 14.31 -6.77 -0.31
CA ASP D 101 15.22 -7.64 -1.06
C ASP D 101 14.45 -8.19 -2.26
N SER D 102 14.96 -7.93 -3.46
CA SER D 102 14.20 -8.22 -4.67
C SER D 102 14.14 -9.70 -5.00
N TYR D 103 15.23 -10.45 -4.76
CA TYR D 103 15.29 -11.83 -5.22
C TYR D 103 14.27 -12.71 -4.51
N THR D 104 14.20 -12.61 -3.19
CA THR D 104 13.36 -13.50 -2.39
C THR D 104 12.17 -12.80 -1.75
N THR D 105 11.93 -11.53 -2.09
CA THR D 105 10.67 -10.84 -1.82
C THR D 105 10.49 -10.49 -0.35
N ASN D 106 11.34 -11.03 0.54
CA ASN D 106 11.26 -10.63 1.93
C ASN D 106 11.75 -9.19 2.08
N LYS D 107 11.07 -8.43 2.94
CA LYS D 107 11.39 -7.04 3.17
C LYS D 107 12.34 -6.92 4.35
N VAL D 108 13.46 -6.23 4.14
CA VAL D 108 14.53 -6.19 5.13
C VAL D 108 14.25 -5.17 6.21
N HIS D 109 13.85 -3.96 5.84
CA HIS D 109 13.76 -2.88 6.82
C HIS D 109 12.47 -2.09 6.64
N ALA D 110 11.97 -1.54 7.75
CA ALA D 110 10.84 -0.63 7.75
C ALA D 110 11.18 0.55 8.64
N ILE D 111 11.23 1.75 8.07
CA ILE D 111 11.64 2.96 8.77
C ILE D 111 10.41 3.85 8.94
N PRO D 112 10.07 4.27 10.15
CA PRO D 112 8.97 5.22 10.34
C PRO D 112 9.43 6.66 10.23
N LEU D 113 8.75 7.44 9.40
CA LEU D 113 9.14 8.83 9.16
C LEU D 113 8.34 9.76 10.05
N ARG D 114 8.99 10.86 10.46
CA ARG D 114 8.32 11.84 11.30
C ARG D 114 7.25 12.59 10.53
N SER D 115 7.48 12.88 9.25
CA SER D 115 6.54 13.58 8.39
C SER D 115 6.02 12.61 7.33
N SER D 116 4.70 12.49 7.23
CA SER D 116 4.09 11.56 6.30
C SER D 116 4.18 12.02 4.85
N TRP D 117 4.56 13.26 4.59
CA TRP D 117 4.61 13.81 3.24
C TRP D 117 6.04 13.71 2.72
N VAL D 118 6.26 12.80 1.79
CA VAL D 118 7.59 12.58 1.22
C VAL D 118 7.48 12.54 -0.30
N MET D 119 8.55 12.96 -0.97
CA MET D 119 8.58 12.99 -2.43
C MET D 119 9.90 12.55 -3.04
N THR D 120 10.86 12.08 -2.24
CA THR D 120 12.16 11.72 -2.81
C THR D 120 12.84 10.67 -1.94
N CYS D 121 13.71 9.89 -2.57
CA CYS D 121 14.51 8.88 -1.88
C CYS D 121 15.77 8.63 -2.69
N ALA D 122 16.81 8.15 -2.00
CA ALA D 122 18.08 7.84 -2.65
C ALA D 122 18.84 6.82 -1.81
N TYR D 123 19.62 6.00 -2.50
CA TYR D 123 20.45 4.98 -1.85
C TYR D 123 21.91 5.30 -2.08
N ALA D 124 22.67 5.35 -0.99
CA ALA D 124 24.10 5.64 -1.10
C ALA D 124 24.82 4.48 -1.77
N PRO D 125 25.84 4.75 -2.58
CA PRO D 125 26.59 3.65 -3.20
C PRO D 125 27.32 2.77 -2.19
N SER D 126 27.55 3.25 -0.98
CA SER D 126 28.19 2.44 0.04
C SER D 126 27.22 1.49 0.74
N GLY D 127 25.93 1.63 0.49
CA GLY D 127 24.95 0.76 1.13
C GLY D 127 24.75 0.99 2.60
N ASN D 128 25.12 2.16 3.11
CA ASN D 128 25.03 2.45 4.54
C ASN D 128 23.96 3.46 4.89
N TYR D 129 23.56 4.32 3.96
CA TYR D 129 22.72 5.47 4.27
C TYR D 129 21.54 5.56 3.31
N VAL D 130 20.47 6.19 3.77
CA VAL D 130 19.30 6.47 2.95
C VAL D 130 18.80 7.89 3.27
N ALA D 131 18.37 8.60 2.23
CA ALA D 131 17.92 9.98 2.36
C ALA D 131 16.42 10.08 2.08
N CYS D 132 15.72 10.87 2.88
CA CYS D 132 14.30 11.13 2.68
C CYS D 132 14.01 12.62 2.79
N GLY D 133 12.89 13.02 2.21
CA GLY D 133 12.48 14.42 2.26
C GLY D 133 11.19 14.63 1.51
N GLY D 134 10.62 15.82 1.69
CA GLY D 134 9.37 16.16 1.03
C GLY D 134 8.82 17.53 1.39
N LEU D 135 7.51 17.62 1.55
CA LEU D 135 6.88 18.88 1.93
C LEU D 135 7.30 19.34 3.31
N ASP D 136 7.90 18.46 4.11
CA ASP D 136 8.39 18.79 5.44
C ASP D 136 9.60 19.73 5.43
N ASN D 137 10.20 19.99 4.28
CA ASN D 137 11.18 21.06 4.02
C ASN D 137 12.59 20.72 4.49
N ILE D 138 12.83 19.60 5.16
CA ILE D 138 14.16 19.25 5.63
C ILE D 138 14.52 17.86 5.11
N CYS D 139 15.81 17.63 4.93
CA CYS D 139 16.31 16.38 4.37
C CYS D 139 16.86 15.50 5.49
N SER D 140 16.28 14.33 5.67
CA SER D 140 16.67 13.43 6.76
C SER D 140 17.59 12.35 6.21
N ILE D 141 18.71 12.15 6.90
CA ILE D 141 19.71 11.16 6.53
C ILE D 141 19.69 10.08 7.61
N TYR D 142 19.41 8.84 7.19
CA TYR D 142 19.29 7.69 8.07
C TYR D 142 20.45 6.73 7.81
N ASN D 143 20.97 6.14 8.88
CA ASN D 143 22.02 5.13 8.80
C ASN D 143 21.43 3.75 9.06
N LEU D 144 21.89 2.76 8.32
CA LEU D 144 21.33 1.42 8.37
C LEU D 144 22.16 0.45 9.19
N LYS D 145 23.48 0.61 9.21
CA LYS D 145 24.37 -0.33 9.90
C LYS D 145 24.83 0.30 11.22
N THR D 146 24.16 -0.09 12.31
CA THR D 146 24.51 0.39 13.63
C THR D 146 24.48 -0.78 14.61
N ARG D 147 25.17 -0.59 15.73
CA ARG D 147 25.30 -1.67 16.71
C ARG D 147 23.96 -2.03 17.33
N GLU D 148 23.13 -1.03 17.64
CA GLU D 148 21.87 -1.27 18.34
C GLU D 148 20.85 -2.01 17.48
N GLY D 149 21.06 -2.13 16.17
CA GLY D 149 20.22 -2.94 15.32
C GLY D 149 19.02 -2.22 14.74
N ASN D 150 18.65 -1.06 15.26
CA ASN D 150 17.54 -0.30 14.73
C ASN D 150 18.04 0.62 13.61
N VAL D 151 17.19 1.54 13.16
CA VAL D 151 17.57 2.57 12.20
C VAL D 151 17.36 3.92 12.84
N ARG D 152 18.42 4.72 12.90
CA ARG D 152 18.42 5.99 13.60
C ARG D 152 18.48 7.15 12.62
N VAL D 153 18.09 8.33 13.11
CA VAL D 153 18.17 9.56 12.34
C VAL D 153 19.60 10.10 12.47
N SER D 154 20.40 9.91 11.43
CA SER D 154 21.78 10.38 11.47
C SER D 154 21.83 11.90 11.43
N ARG D 155 21.11 12.51 10.49
CA ARG D 155 21.21 13.96 10.32
C ARG D 155 19.86 14.52 9.86
N GLU D 156 19.64 15.79 10.17
CA GLU D 156 18.45 16.54 9.76
C GLU D 156 18.91 17.84 9.12
N LEU D 157 19.18 17.80 7.81
CA LEU D 157 19.67 18.98 7.11
C LEU D 157 18.53 19.97 6.88
N ALA D 158 18.79 21.23 7.22
CA ALA D 158 17.80 22.30 7.14
C ALA D 158 18.39 23.49 6.42
N GLY D 159 17.51 24.31 5.85
CA GLY D 159 17.95 25.53 5.20
C GLY D 159 17.18 25.93 3.96
N HIS D 160 16.38 25.02 3.41
CA HIS D 160 15.60 25.34 2.24
C HIS D 160 14.33 26.10 2.64
N THR D 161 13.73 26.77 1.66
CA THR D 161 12.48 27.49 1.85
C THR D 161 11.30 26.82 1.19
N GLY D 162 11.53 25.94 0.21
CA GLY D 162 10.47 25.22 -0.45
C GLY D 162 10.70 23.72 -0.41
N TYR D 163 9.70 22.98 -0.91
CA TYR D 163 9.71 21.54 -0.80
C TYR D 163 10.82 20.92 -1.63
N LEU D 164 11.34 19.79 -1.15
CA LEU D 164 12.39 19.08 -1.84
C LEU D 164 11.79 18.16 -2.90
N SER D 165 12.35 18.20 -4.10
CA SER D 165 11.84 17.39 -5.20
C SER D 165 12.72 16.19 -5.52
N CYS D 166 14.02 16.27 -5.27
CA CYS D 166 14.93 15.17 -5.55
C CYS D 166 16.20 15.35 -4.75
N CYS D 167 16.76 14.23 -4.29
CA CYS D 167 18.02 14.25 -3.56
C CYS D 167 18.84 13.04 -3.98
N ARG D 168 20.14 13.24 -4.12
CA ARG D 168 21.06 12.18 -4.55
C ARG D 168 22.31 12.22 -3.69
N PHE D 169 23.00 11.09 -3.63
CA PHE D 169 24.24 10.94 -2.87
C PHE D 169 25.43 11.06 -3.82
N LEU D 170 26.34 11.97 -3.51
CA LEU D 170 27.62 12.02 -4.21
C LEU D 170 28.58 10.98 -3.63
N ASP D 171 28.71 10.97 -2.30
CA ASP D 171 29.47 9.96 -1.58
C ASP D 171 28.89 9.91 -0.16
N ASP D 172 29.61 9.29 0.76
CA ASP D 172 29.11 9.17 2.13
C ASP D 172 29.15 10.49 2.90
N ASN D 173 29.61 11.58 2.29
CA ASN D 173 29.69 12.86 2.96
C ASN D 173 29.11 14.02 2.16
N GLN D 174 28.85 13.85 0.87
CA GLN D 174 28.33 14.92 0.02
C GLN D 174 26.96 14.52 -0.50
N ILE D 175 25.98 15.41 -0.34
CA ILE D 175 24.62 15.17 -0.80
C ILE D 175 24.12 16.42 -1.52
N VAL D 176 23.43 16.21 -2.63
CA VAL D 176 22.94 17.29 -3.49
C VAL D 176 21.43 17.25 -3.49
N THR D 177 20.80 18.40 -3.22
CA THR D 177 19.35 18.50 -3.09
C THR D 177 18.81 19.60 -3.97
N SER D 178 17.62 19.37 -4.51
CA SER D 178 16.89 20.35 -5.32
C SER D 178 15.55 20.62 -4.66
N SER D 179 15.21 21.90 -4.52
CA SER D 179 14.07 22.31 -3.72
C SER D 179 13.03 23.03 -4.57
N GLY D 180 11.89 23.33 -3.93
CA GLY D 180 10.84 24.04 -4.62
C GLY D 180 11.24 25.44 -5.01
N ASP D 181 11.91 26.16 -4.10
CA ASP D 181 12.51 27.43 -4.48
C ASP D 181 13.62 27.20 -5.49
N THR D 182 13.86 28.23 -6.31
CA THR D 182 14.75 28.10 -7.47
C THR D 182 16.22 28.03 -7.02
N THR D 183 16.56 26.92 -6.36
CA THR D 183 17.88 26.74 -5.79
C THR D 183 18.27 25.28 -5.85
N CYS D 184 19.57 25.02 -5.75
CA CYS D 184 20.11 23.70 -5.53
C CYS D 184 21.23 23.80 -4.49
N ALA D 185 21.44 22.73 -3.74
CA ALA D 185 22.39 22.80 -2.64
C ALA D 185 23.27 21.56 -2.61
N LEU D 186 24.55 21.77 -2.31
CA LEU D 186 25.47 20.68 -1.98
C LEU D 186 25.87 20.87 -0.53
N TRP D 187 25.65 19.83 0.27
CA TRP D 187 25.67 19.90 1.73
C TRP D 187 26.93 19.25 2.29
N ASP D 188 27.01 19.24 3.62
CA ASP D 188 28.01 18.52 4.39
C ASP D 188 27.31 17.77 5.51
N ILE D 189 27.75 16.55 5.77
CA ILE D 189 26.99 15.66 6.65
C ILE D 189 27.37 15.85 8.11
N GLU D 190 28.67 15.93 8.42
CA GLU D 190 29.09 16.10 9.82
C GLU D 190 28.55 17.40 10.40
N THR D 191 28.67 18.49 9.66
CA THR D 191 28.10 19.77 10.04
C THR D 191 27.07 20.16 8.97
N GLY D 192 25.81 20.30 9.39
CA GLY D 192 24.73 20.52 8.44
C GLY D 192 24.70 21.91 7.86
N GLN D 193 25.68 22.24 7.02
CA GLN D 193 25.78 23.55 6.40
C GLN D 193 25.90 23.41 4.89
N GLN D 194 25.25 24.30 4.15
CA GLN D 194 25.31 24.28 2.69
C GLN D 194 26.72 24.67 2.24
N THR D 195 27.49 23.68 1.80
CA THR D 195 28.83 23.97 1.31
C THR D 195 28.77 24.78 0.02
N THR D 196 27.75 24.55 -0.80
CA THR D 196 27.63 25.34 -2.03
C THR D 196 26.17 25.48 -2.41
N THR D 197 25.81 26.65 -2.92
CA THR D 197 24.44 26.95 -3.32
C THR D 197 24.42 27.43 -4.76
N PHE D 198 23.54 26.83 -5.57
CA PHE D 198 23.39 27.16 -6.98
C PHE D 198 22.07 27.89 -7.16
N THR D 199 22.13 29.11 -7.69
CA THR D 199 20.95 29.93 -7.94
C THR D 199 21.02 30.47 -9.36
N GLY D 200 20.33 29.82 -10.28
CA GLY D 200 20.26 30.31 -11.64
C GLY D 200 18.89 30.16 -12.28
N HIS D 201 17.97 29.53 -11.56
CA HIS D 201 16.68 29.16 -12.11
C HIS D 201 15.63 30.22 -11.82
N THR D 202 14.56 30.20 -12.63
CA THR D 202 13.36 31.02 -12.41
C THR D 202 12.17 30.07 -12.52
N GLY D 203 11.85 29.40 -11.41
CA GLY D 203 10.82 28.38 -11.39
C GLY D 203 11.27 27.22 -10.52
N ASP D 204 10.30 26.41 -10.10
CA ASP D 204 10.58 25.34 -9.16
C ASP D 204 11.39 24.23 -9.83
N VAL D 205 12.48 23.82 -9.19
CA VAL D 205 13.32 22.75 -9.69
C VAL D 205 12.70 21.42 -9.28
N MET D 206 12.41 20.58 -10.26
CA MET D 206 11.67 19.36 -10.02
C MET D 206 12.50 18.09 -10.11
N SER D 207 13.59 18.08 -10.89
CA SER D 207 14.38 16.87 -11.05
C SER D 207 15.85 17.18 -10.99
N LEU D 208 16.63 16.18 -10.56
CA LEU D 208 18.08 16.30 -10.44
C LEU D 208 18.73 14.98 -10.79
N SER D 209 19.81 15.04 -11.58
CA SER D 209 20.53 13.83 -11.96
C SER D 209 22.03 14.08 -11.89
N LEU D 210 22.78 13.03 -11.61
CA LEU D 210 24.22 13.09 -11.40
C LEU D 210 24.95 12.32 -12.49
N ALA D 211 26.16 12.79 -12.80
CA ALA D 211 26.97 12.20 -13.85
C ALA D 211 27.69 10.96 -13.36
N PRO D 212 28.08 10.07 -14.28
CA PRO D 212 28.86 8.88 -13.86
C PRO D 212 30.17 9.23 -13.19
N ASP D 213 30.80 10.33 -13.57
CA ASP D 213 32.09 10.73 -13.00
C ASP D 213 31.96 11.65 -11.78
N THR D 214 30.73 11.89 -11.31
CA THR D 214 30.47 12.66 -10.09
C THR D 214 31.18 14.00 -10.08
N ARG D 215 31.15 14.70 -11.21
CA ARG D 215 31.73 16.03 -11.33
C ARG D 215 30.78 17.08 -11.89
N LEU D 216 29.77 16.68 -12.65
CA LEU D 216 28.75 17.57 -13.18
C LEU D 216 27.38 17.02 -12.84
N PHE D 217 26.38 17.89 -12.81
CA PHE D 217 25.02 17.40 -12.57
C PHE D 217 24.01 18.29 -13.26
N VAL D 218 22.88 17.69 -13.63
CA VAL D 218 21.85 18.35 -14.43
C VAL D 218 20.61 18.55 -13.56
N SER D 219 20.01 19.73 -13.68
CA SER D 219 18.81 20.08 -12.93
C SER D 219 17.71 20.49 -13.91
N GLY D 220 16.49 20.05 -13.62
CA GLY D 220 15.34 20.37 -14.42
C GLY D 220 14.24 21.02 -13.61
N ALA D 221 13.76 22.18 -14.07
CA ALA D 221 12.86 23.03 -13.30
C ALA D 221 11.51 23.17 -13.99
N CYS D 222 10.68 24.05 -13.45
CA CYS D 222 9.30 24.24 -13.89
C CYS D 222 9.16 25.29 -14.97
N ASP D 223 10.29 25.78 -15.50
CA ASP D 223 10.28 26.89 -16.51
C ASP D 223 10.69 26.36 -17.88
N ALA D 224 10.72 25.04 -18.06
CA ALA D 224 11.06 24.42 -19.34
C ALA D 224 12.49 24.79 -19.76
N SER D 225 13.44 24.42 -18.91
CA SER D 225 14.85 24.60 -19.22
C SER D 225 15.66 23.68 -18.32
N ALA D 226 16.67 23.06 -18.90
CA ALA D 226 17.56 22.14 -18.18
C ALA D 226 18.94 22.76 -18.06
N LYS D 227 19.46 22.83 -16.84
CA LYS D 227 20.72 23.51 -16.56
C LYS D 227 21.78 22.51 -16.13
N LEU D 228 22.97 22.63 -16.70
CA LEU D 228 24.10 21.77 -16.34
C LEU D 228 25.06 22.56 -15.46
N TRP D 229 25.36 22.02 -14.29
CA TRP D 229 26.15 22.71 -13.29
C TRP D 229 27.40 21.91 -12.95
N ASP D 230 28.43 22.63 -12.53
CA ASP D 230 29.70 22.07 -12.07
C ASP D 230 29.65 21.93 -10.56
N VAL D 231 30.01 20.75 -10.07
CA VAL D 231 29.85 20.44 -8.65
C VAL D 231 30.81 21.24 -7.79
N ARG D 232 32.07 21.35 -8.21
CA ARG D 232 33.07 22.01 -7.39
C ARG D 232 33.13 23.51 -7.62
N GLU D 233 33.13 23.94 -8.88
CA GLU D 233 33.25 25.37 -9.18
C GLU D 233 32.04 26.14 -8.66
N GLY D 234 30.85 25.58 -8.79
CA GLY D 234 29.66 26.21 -8.27
C GLY D 234 28.94 27.15 -9.20
N MET D 235 29.22 27.09 -10.50
CA MET D 235 28.59 27.97 -11.46
C MET D 235 28.09 27.16 -12.65
N CYS D 236 27.05 27.67 -13.29
CA CYS D 236 26.42 26.97 -14.41
C CYS D 236 27.33 27.00 -15.63
N ARG D 237 27.26 25.93 -16.42
CA ARG D 237 28.00 25.82 -17.66
C ARG D 237 27.14 25.96 -18.90
N GLN D 238 25.95 25.35 -18.92
CA GLN D 238 25.10 25.41 -20.10
C GLN D 238 23.64 25.38 -19.68
N THR D 239 22.79 25.95 -20.53
CA THR D 239 21.34 25.95 -20.36
C THR D 239 20.70 25.51 -21.67
N PHE D 240 19.79 24.54 -21.59
CA PHE D 240 19.07 24.02 -22.74
C PHE D 240 17.59 24.35 -22.61
N THR D 241 16.98 24.72 -23.73
CA THR D 241 15.57 25.04 -23.79
C THR D 241 14.94 24.31 -24.98
N GLY D 242 13.61 24.37 -25.05
CA GLY D 242 12.89 23.73 -26.13
C GLY D 242 11.58 23.08 -25.71
N HIS D 243 11.47 22.72 -24.44
CA HIS D 243 10.24 22.11 -23.95
C HIS D 243 9.11 23.13 -23.89
N GLU D 244 7.89 22.66 -24.15
CA GLU D 244 6.74 23.55 -24.14
C GLU D 244 6.31 23.88 -22.72
N SER D 245 6.39 22.92 -21.80
CA SER D 245 6.02 23.17 -20.41
C SER D 245 7.04 22.54 -19.46
N ASP D 246 6.68 22.44 -18.18
CA ASP D 246 7.64 22.04 -17.15
C ASP D 246 8.12 20.62 -17.37
N ILE D 247 9.37 20.36 -16.94
CA ILE D 247 9.99 19.06 -17.03
C ILE D 247 10.07 18.45 -15.64
N ASN D 248 9.86 17.14 -15.55
CA ASN D 248 9.74 16.45 -14.27
C ASN D 248 10.78 15.37 -14.02
N ALA D 249 11.39 14.81 -15.06
CA ALA D 249 12.37 13.76 -14.88
C ALA D 249 13.52 13.94 -15.86
N ILE D 250 14.75 13.77 -15.35
CA ILE D 250 15.97 13.87 -16.15
C ILE D 250 16.86 12.68 -15.83
N CYS D 251 17.45 12.09 -16.87
CA CYS D 251 18.36 10.97 -16.69
C CYS D 251 19.60 11.16 -17.56
N PHE D 252 20.76 10.76 -17.03
CA PHE D 252 22.00 10.79 -17.78
C PHE D 252 22.18 9.54 -18.62
N PHE D 253 22.81 9.71 -19.78
CA PHE D 253 23.33 8.59 -20.54
C PHE D 253 24.48 7.95 -19.78
N PRO D 254 24.70 6.65 -19.94
CA PRO D 254 25.85 6.01 -19.28
C PRO D 254 27.19 6.58 -19.73
N ASN D 255 27.26 7.16 -20.93
CA ASN D 255 28.51 7.75 -21.40
C ASN D 255 28.82 9.04 -20.64
N GLY D 256 27.80 9.83 -20.34
CA GLY D 256 27.99 11.14 -19.74
C GLY D 256 28.04 12.28 -20.73
N ASN D 257 27.73 12.03 -22.00
CA ASN D 257 27.77 13.05 -23.05
C ASN D 257 26.40 13.37 -23.61
N ALA D 258 25.34 12.81 -23.04
CA ALA D 258 23.98 13.07 -23.51
C ALA D 258 23.03 12.87 -22.36
N PHE D 259 21.84 13.45 -22.48
CA PHE D 259 20.83 13.27 -21.44
C PHE D 259 19.44 13.51 -22.02
N ALA D 260 18.48 12.77 -21.48
CA ALA D 260 17.10 12.82 -21.92
C ALA D 260 16.19 13.27 -20.79
N THR D 261 15.22 14.13 -21.11
CA THR D 261 14.32 14.71 -20.13
C THR D 261 12.88 14.47 -20.55
N GLY D 262 11.99 14.47 -19.57
CA GLY D 262 10.57 14.27 -19.82
C GLY D 262 9.76 15.41 -19.23
N SER D 263 8.67 15.75 -19.91
CA SER D 263 7.86 16.90 -19.53
C SER D 263 6.38 16.56 -19.48
N ASP D 264 5.53 17.58 -19.33
CA ASP D 264 4.08 17.42 -19.35
C ASP D 264 3.48 17.68 -20.72
N ASP D 265 4.31 17.80 -21.75
CA ASP D 265 3.85 17.95 -23.13
C ASP D 265 3.63 16.62 -23.82
N ALA D 266 3.70 15.52 -23.08
CA ALA D 266 3.69 14.16 -23.66
C ALA D 266 4.84 13.97 -24.63
N THR D 267 5.96 14.63 -24.37
CA THR D 267 7.16 14.53 -25.20
C THR D 267 8.38 14.32 -24.33
N CYS D 268 9.31 13.50 -24.80
CA CYS D 268 10.63 13.37 -24.22
C CYS D 268 11.67 13.93 -25.18
N ARG D 269 12.78 14.43 -24.65
CA ARG D 269 13.77 15.08 -25.49
C ARG D 269 15.17 14.65 -25.10
N LEU D 270 15.96 14.27 -26.10
CA LEU D 270 17.35 13.84 -25.90
C LEU D 270 18.27 14.93 -26.44
N PHE D 271 19.01 15.57 -25.53
CA PHE D 271 20.02 16.59 -25.83
C PHE D 271 21.42 16.01 -25.64
N ASP D 272 22.40 16.71 -26.21
CA ASP D 272 23.80 16.34 -26.11
C ASP D 272 24.55 17.49 -25.45
N LEU D 273 25.54 17.14 -24.62
CA LEU D 273 26.28 18.14 -23.87
C LEU D 273 27.26 18.91 -24.74
N ARG D 274 27.99 18.22 -25.62
CA ARG D 274 29.06 18.87 -26.36
C ARG D 274 28.53 19.76 -27.48
N ALA D 275 27.47 19.32 -28.17
CA ALA D 275 26.90 20.12 -29.25
C ALA D 275 25.99 21.24 -28.73
N ASP D 276 25.46 21.10 -27.52
CA ASP D 276 24.68 22.15 -26.86
C ASP D 276 23.39 22.44 -27.64
N GLN D 277 22.65 21.39 -27.97
CA GLN D 277 21.32 21.53 -28.55
C GLN D 277 20.63 20.18 -28.50
N GLU D 278 19.37 20.16 -28.91
CA GLU D 278 18.57 18.94 -28.87
C GLU D 278 18.92 18.03 -30.04
N LEU D 279 18.74 16.73 -29.82
CA LEU D 279 19.02 15.72 -30.84
C LEU D 279 17.78 14.95 -31.24
N MET D 280 17.00 14.45 -30.29
CA MET D 280 15.81 13.68 -30.63
C MET D 280 14.59 14.09 -29.82
N THR D 281 13.43 13.85 -30.40
CA THR D 281 12.14 14.08 -29.76
C THR D 281 11.33 12.79 -29.84
N TYR D 282 10.89 12.30 -28.69
CA TYR D 282 10.07 11.09 -28.59
C TYR D 282 8.65 11.51 -28.23
N SER D 283 7.72 11.29 -29.15
CA SER D 283 6.33 11.67 -28.94
C SER D 283 5.46 10.99 -29.99
N HIS D 284 4.25 10.63 -29.58
CA HIS D 284 3.27 10.03 -30.48
C HIS D 284 1.92 10.69 -30.25
N ASP D 285 1.06 10.60 -31.26
CA ASP D 285 -0.21 11.32 -31.22
C ASP D 285 -1.21 10.70 -30.25
N ASN D 286 -1.18 9.38 -30.10
CA ASN D 286 -2.16 8.71 -29.24
C ASN D 286 -1.99 9.11 -27.79
N ILE D 287 -0.76 9.22 -27.31
CA ILE D 287 -0.48 9.55 -25.92
C ILE D 287 -0.55 11.06 -25.74
N ILE D 288 -1.34 11.51 -24.78
CA ILE D 288 -1.47 12.92 -24.46
C ILE D 288 -1.16 13.23 -23.00
N CYS D 289 -1.02 12.21 -22.15
CA CYS D 289 -0.72 12.44 -20.74
C CYS D 289 0.75 12.77 -20.55
N GLY D 290 1.08 13.25 -19.36
CA GLY D 290 2.44 13.65 -19.04
C GLY D 290 3.34 12.48 -18.71
N ILE D 291 4.61 12.80 -18.50
CA ILE D 291 5.64 11.83 -18.16
C ILE D 291 6.14 12.11 -16.75
N THR D 292 6.13 11.09 -15.90
CA THR D 292 6.48 11.27 -14.50
C THR D 292 7.86 10.74 -14.14
N SER D 293 8.39 9.79 -14.90
CA SER D 293 9.72 9.25 -14.63
C SER D 293 10.37 8.80 -15.93
N VAL D 294 11.69 8.94 -15.99
CA VAL D 294 12.46 8.55 -17.16
C VAL D 294 13.75 7.87 -16.70
N SER D 295 14.09 6.76 -17.33
CA SER D 295 15.35 6.09 -17.02
C SER D 295 15.89 5.43 -18.28
N PHE D 296 17.20 5.15 -18.25
CA PHE D 296 17.90 4.58 -19.38
C PHE D 296 18.29 3.14 -19.08
N SER D 297 18.46 2.35 -20.14
CA SER D 297 18.96 0.99 -20.03
C SER D 297 20.47 0.96 -20.20
N LYS D 298 21.08 -0.13 -19.73
CA LYS D 298 22.51 -0.31 -19.92
C LYS D 298 22.83 -0.40 -21.40
N SER D 299 23.97 0.16 -21.78
CA SER D 299 24.42 0.38 -23.16
C SER D 299 23.61 1.46 -23.86
N GLY D 300 22.57 2.00 -23.23
CA GLY D 300 21.84 3.13 -23.77
C GLY D 300 21.15 2.88 -25.10
N ARG D 301 20.55 1.71 -25.27
CA ARG D 301 19.77 1.42 -26.47
C ARG D 301 18.27 1.60 -26.25
N LEU D 302 17.82 1.62 -25.00
CA LEU D 302 16.41 1.74 -24.67
C LEU D 302 16.20 2.92 -23.73
N LEU D 303 14.99 3.48 -23.78
CA LEU D 303 14.59 4.57 -22.90
C LEU D 303 13.23 4.21 -22.31
N LEU D 304 13.17 4.02 -21.00
CA LEU D 304 11.94 3.68 -20.32
C LEU D 304 11.31 4.95 -19.77
N ALA D 305 10.05 5.20 -20.14
CA ALA D 305 9.34 6.39 -19.72
C ALA D 305 8.02 5.99 -19.09
N GLY D 306 7.79 6.44 -17.86
CA GLY D 306 6.53 6.18 -17.19
C GLY D 306 5.52 7.28 -17.43
N TYR D 307 4.40 6.93 -18.05
CA TYR D 307 3.38 7.91 -18.43
C TYR D 307 2.27 7.96 -17.39
N ASP D 308 1.42 8.98 -17.51
CA ASP D 308 0.35 9.21 -16.56
C ASP D 308 -0.89 8.38 -16.85
N ASP D 309 -0.97 7.73 -18.02
CA ASP D 309 -2.12 6.88 -18.34
C ASP D 309 -1.87 5.43 -17.95
N PHE D 310 -1.42 5.23 -16.71
CA PHE D 310 -1.30 3.93 -16.07
C PHE D 310 -0.41 2.97 -16.85
N ASN D 311 0.54 3.46 -17.63
CA ASN D 311 1.37 2.61 -18.48
C ASN D 311 2.85 2.91 -18.23
N CYS D 312 3.70 2.24 -19.01
CA CYS D 312 5.14 2.46 -18.97
C CYS D 312 5.70 2.01 -20.32
N ASN D 313 6.22 2.97 -21.08
CA ASN D 313 6.59 2.73 -22.47
C ASN D 313 8.10 2.58 -22.61
N VAL D 314 8.50 1.89 -23.68
CA VAL D 314 9.91 1.63 -23.98
C VAL D 314 10.18 2.11 -25.38
N TRP D 315 11.12 3.03 -25.52
CA TRP D 315 11.49 3.62 -26.80
C TRP D 315 12.89 3.19 -27.20
N ASP D 316 13.13 3.14 -28.50
CA ASP D 316 14.46 2.87 -29.04
C ASP D 316 15.23 4.19 -29.04
N ALA D 317 16.40 4.19 -28.40
CA ALA D 317 17.12 5.44 -28.18
C ALA D 317 17.75 6.00 -29.44
N LEU D 318 18.00 5.17 -30.46
CA LEU D 318 18.65 5.63 -31.67
C LEU D 318 17.68 6.01 -32.77
N LYS D 319 16.49 5.41 -32.80
CA LYS D 319 15.45 5.80 -33.74
C LYS D 319 14.11 5.81 -33.01
N ALA D 320 13.28 6.79 -33.32
CA ALA D 320 12.10 7.13 -32.53
C ALA D 320 10.98 6.10 -32.60
N ASP D 321 11.08 4.92 -33.22
CA ASP D 321 9.96 4.00 -33.16
C ASP D 321 9.79 3.47 -31.74
N ARG D 322 8.57 2.97 -31.49
CA ARG D 322 8.23 2.52 -30.12
C ARG D 322 8.30 1.01 -30.01
N ALA D 323 8.97 0.52 -28.97
CA ALA D 323 9.08 -0.89 -28.67
C ALA D 323 7.94 -1.29 -27.71
N GLY D 324 8.04 -2.46 -27.10
CA GLY D 324 6.99 -3.00 -26.26
C GLY D 324 6.49 -2.08 -25.15
N VAL D 325 5.31 -2.39 -24.63
CA VAL D 325 4.65 -1.57 -23.62
C VAL D 325 4.52 -2.40 -22.35
N LEU D 326 4.87 -1.80 -21.21
CA LEU D 326 4.80 -2.46 -19.91
C LEU D 326 3.54 -1.99 -19.22
N ALA D 327 2.43 -2.66 -19.52
CA ALA D 327 1.11 -2.29 -19.00
C ALA D 327 0.68 -3.34 -17.99
N GLY D 328 0.83 -3.02 -16.71
CA GLY D 328 0.38 -3.91 -15.65
C GLY D 328 -0.13 -3.18 -14.42
N HIS D 329 -0.29 -1.86 -14.52
CA HIS D 329 -0.60 -1.03 -13.39
C HIS D 329 -2.02 -0.49 -13.48
N ASP D 330 -2.65 -0.32 -12.32
CA ASP D 330 -4.00 0.22 -12.22
C ASP D 330 -4.03 1.71 -11.89
N ASN D 331 -2.87 2.34 -11.74
CA ASN D 331 -2.82 3.79 -11.51
C ASN D 331 -1.53 4.32 -12.14
N ARG D 332 -1.32 5.63 -11.99
CA ARG D 332 -0.23 6.29 -12.69
C ARG D 332 1.12 5.86 -12.14
N VAL D 333 2.07 5.64 -13.05
CA VAL D 333 3.42 5.27 -12.65
C VAL D 333 4.14 6.50 -12.10
N SER D 334 4.69 6.37 -10.90
CA SER D 334 5.35 7.49 -10.24
C SER D 334 6.86 7.38 -10.19
N CYS D 335 7.43 6.18 -10.33
CA CYS D 335 8.88 6.04 -10.33
C CYS D 335 9.26 4.78 -11.08
N LEU D 336 10.46 4.77 -11.65
CA LEU D 336 10.96 3.56 -12.30
C LEU D 336 12.48 3.64 -12.37
N GLY D 337 13.13 2.48 -12.26
CA GLY D 337 14.57 2.42 -12.23
C GLY D 337 15.10 1.15 -12.86
N VAL D 338 16.39 1.22 -13.24
CA VAL D 338 17.09 0.12 -13.88
C VAL D 338 18.34 -0.19 -13.07
N THR D 339 18.60 -1.47 -12.84
CA THR D 339 19.72 -1.89 -12.02
C THR D 339 21.05 -1.56 -12.70
N ASP D 340 22.13 -1.60 -11.91
CA ASP D 340 23.44 -1.27 -12.45
C ASP D 340 23.96 -2.36 -13.38
N ASP D 341 23.53 -3.60 -13.20
CA ASP D 341 23.93 -4.69 -14.07
C ASP D 341 22.95 -4.91 -15.22
N GLY D 342 21.89 -4.12 -15.31
CA GLY D 342 21.00 -4.19 -16.44
C GLY D 342 20.11 -5.42 -16.50
N MET D 343 19.84 -6.04 -15.36
CA MET D 343 19.05 -7.27 -15.38
C MET D 343 17.55 -6.97 -15.50
N ALA D 344 16.99 -6.26 -14.54
CA ALA D 344 15.55 -6.04 -14.48
C ALA D 344 15.25 -4.56 -14.27
N VAL D 345 14.00 -4.19 -14.56
CA VAL D 345 13.52 -2.83 -14.39
C VAL D 345 12.39 -2.84 -13.38
N ALA D 346 12.44 -1.93 -12.41
CA ALA D 346 11.45 -1.90 -11.34
C ALA D 346 10.63 -0.63 -11.42
N THR D 347 9.30 -0.77 -11.43
CA THR D 347 8.39 0.35 -11.59
C THR D 347 7.42 0.39 -10.42
N GLY D 348 7.28 1.57 -9.81
CA GLY D 348 6.30 1.80 -8.76
C GLY D 348 5.30 2.87 -9.15
N SER D 349 4.02 2.60 -8.89
CA SER D 349 2.94 3.45 -9.32
C SER D 349 2.13 3.92 -8.12
N TRP D 350 1.04 4.66 -8.39
CA TRP D 350 0.27 5.25 -7.31
C TRP D 350 -0.54 4.21 -6.54
N ASP D 351 -0.90 3.10 -7.18
CA ASP D 351 -1.41 1.97 -6.43
C ASP D 351 -0.27 1.40 -5.59
N SER D 352 -0.63 0.82 -4.45
CA SER D 352 0.37 0.46 -3.44
C SER D 352 1.42 -0.51 -3.96
N PHE D 353 1.12 -1.25 -5.03
CA PHE D 353 2.05 -2.26 -5.53
C PHE D 353 3.14 -1.64 -6.38
N LEU D 354 4.30 -2.29 -6.39
CA LEU D 354 5.35 -2.02 -7.36
C LEU D 354 5.84 -3.34 -7.92
N LYS D 355 6.28 -3.32 -9.17
CA LYS D 355 6.55 -4.54 -9.92
C LYS D 355 7.98 -4.54 -10.44
N ILE D 356 8.48 -5.74 -10.70
CA ILE D 356 9.80 -5.95 -11.29
C ILE D 356 9.60 -6.72 -12.59
N TRP D 357 10.17 -6.19 -13.67
CA TRP D 357 9.98 -6.72 -15.01
C TRP D 357 11.32 -7.18 -15.55
N ASN D 358 11.31 -8.32 -16.23
CA ASN D 358 12.52 -8.86 -16.84
C ASN D 358 12.23 -9.41 -18.23
N ALA E 7 18.10 47.04 -7.01
CA ALA E 7 17.26 45.87 -7.24
C ALA E 7 16.78 45.82 -8.69
N SER E 8 17.40 46.62 -9.54
CA SER E 8 17.06 46.67 -10.96
C SER E 8 18.25 46.43 -11.87
N ILE E 9 19.43 46.92 -11.51
CA ILE E 9 20.61 46.75 -12.35
C ILE E 9 21.35 45.45 -12.05
N ALA E 10 21.27 44.97 -10.80
CA ALA E 10 22.05 43.79 -10.41
C ALA E 10 21.62 42.56 -11.19
N GLN E 11 20.31 42.33 -11.30
CA GLN E 11 19.82 41.15 -12.00
C GLN E 11 20.14 41.21 -13.49
N ALA E 12 20.01 42.39 -14.10
CA ALA E 12 20.35 42.55 -15.50
C ALA E 12 21.83 42.29 -15.74
N ARG E 13 22.68 42.83 -14.86
CA ARG E 13 24.12 42.59 -15.00
C ARG E 13 24.45 41.11 -14.84
N LYS E 14 23.84 40.44 -13.87
CA LYS E 14 24.08 39.02 -13.68
C LYS E 14 23.64 38.22 -14.90
N LEU E 15 22.47 38.53 -15.44
CA LEU E 15 22.00 37.82 -16.63
C LEU E 15 22.93 38.04 -17.81
N VAL E 16 23.37 39.29 -18.02
CA VAL E 16 24.21 39.58 -19.18
C VAL E 16 25.57 38.92 -19.03
N GLU E 17 26.12 38.87 -17.82
CA GLU E 17 27.42 38.22 -17.66
C GLU E 17 27.31 36.70 -17.77
N GLN E 18 26.20 36.12 -17.30
CA GLN E 18 26.00 34.69 -17.50
C GLN E 18 25.88 34.35 -18.98
N LEU E 19 25.15 35.18 -19.74
CA LEU E 19 25.03 34.96 -21.17
C LEU E 19 26.39 35.11 -21.86
N LYS E 20 27.18 36.09 -21.43
CA LYS E 20 28.52 36.26 -21.98
C LYS E 20 29.38 35.02 -21.70
N MET E 21 29.30 34.48 -20.49
CA MET E 21 30.06 33.28 -20.16
C MET E 21 29.61 32.09 -20.99
N GLU E 22 28.31 31.94 -21.21
CA GLU E 22 27.83 30.84 -22.03
C GLU E 22 28.06 31.05 -23.52
N ALA E 23 28.42 32.28 -23.94
CA ALA E 23 28.58 32.55 -25.36
C ALA E 23 29.78 31.81 -25.94
N ASN E 24 30.89 31.73 -25.21
CA ASN E 24 32.17 31.30 -25.76
C ASN E 24 32.49 29.83 -25.44
N ILE E 25 31.49 28.96 -25.43
CA ILE E 25 31.71 27.54 -25.22
C ILE E 25 31.96 26.88 -26.57
N ASP E 26 33.04 26.11 -26.66
CA ASP E 26 33.39 25.44 -27.91
C ASP E 26 32.33 24.41 -28.27
N ARG E 27 32.04 24.30 -29.56
CA ARG E 27 31.00 23.41 -30.07
C ARG E 27 31.59 22.49 -31.14
N ILE E 28 30.94 21.35 -31.32
CA ILE E 28 31.36 20.35 -32.30
C ILE E 28 30.21 20.07 -33.26
N LYS E 29 30.51 19.30 -34.30
CA LYS E 29 29.49 18.92 -35.27
C LYS E 29 28.56 17.87 -34.69
N VAL E 30 27.28 17.96 -35.07
CA VAL E 30 26.28 17.02 -34.56
C VAL E 30 26.55 15.61 -35.09
N SER E 31 27.04 15.50 -36.33
CA SER E 31 27.27 14.19 -36.91
C SER E 31 28.31 13.41 -36.12
N LYS E 32 29.35 14.09 -35.63
CA LYS E 32 30.37 13.41 -34.83
C LYS E 32 29.78 12.85 -33.54
N ALA E 33 28.94 13.63 -32.86
CA ALA E 33 28.30 13.15 -31.64
C ALA E 33 27.37 11.98 -31.93
N ALA E 34 26.63 12.05 -33.03
CA ALA E 34 25.76 10.95 -33.41
C ALA E 34 26.56 9.68 -33.67
N ALA E 35 27.68 9.81 -34.38
CA ALA E 35 28.53 8.65 -34.64
C ALA E 35 29.10 8.08 -33.35
N ASP E 36 29.48 8.95 -32.41
CA ASP E 36 29.99 8.49 -31.13
C ASP E 36 28.92 7.72 -30.36
N LEU E 37 27.68 8.22 -30.36
CA LEU E 37 26.59 7.51 -29.70
C LEU E 37 26.34 6.17 -30.34
N MET E 38 26.36 6.12 -31.68
CA MET E 38 26.16 4.85 -32.38
C MET E 38 27.26 3.86 -32.04
N ALA E 39 28.51 4.32 -32.00
CA ALA E 39 29.62 3.44 -31.67
C ALA E 39 29.51 2.89 -30.26
N TYR E 40 29.14 3.75 -29.30
CA TYR E 40 28.96 3.28 -27.93
C TYR E 40 27.82 2.25 -27.85
N CYS E 41 26.73 2.50 -28.57
CA CYS E 41 25.62 1.56 -28.55
C CYS E 41 26.01 0.21 -29.15
N GLU E 42 26.80 0.23 -30.23
CA GLU E 42 27.19 -1.02 -30.87
C GLU E 42 28.27 -1.76 -30.09
N ALA E 43 29.10 -1.05 -29.33
CA ALA E 43 30.21 -1.68 -28.63
C ALA E 43 29.79 -2.35 -27.32
N HIS E 44 28.54 -2.21 -26.90
CA HIS E 44 28.08 -2.80 -25.65
C HIS E 44 26.78 -3.57 -25.84
N ALA E 45 26.62 -4.21 -27.00
CA ALA E 45 25.38 -4.93 -27.27
C ALA E 45 25.29 -6.24 -26.48
N LYS E 46 26.41 -6.97 -26.39
CA LYS E 46 26.38 -8.29 -25.79
C LYS E 46 26.16 -8.26 -24.28
N GLU E 47 26.31 -7.10 -23.64
CA GLU E 47 26.17 -6.98 -22.20
C GLU E 47 24.92 -6.21 -21.80
N ASP E 48 23.86 -6.28 -22.63
CA ASP E 48 22.58 -5.60 -22.28
C ASP E 48 21.49 -6.65 -22.14
N PRO E 49 21.24 -7.22 -20.94
CA PRO E 49 20.30 -8.33 -20.79
C PRO E 49 18.91 -8.06 -21.33
N LEU E 50 18.46 -6.80 -21.29
CA LEU E 50 17.09 -6.52 -21.73
C LEU E 50 16.95 -6.55 -23.25
N LEU E 51 17.99 -6.17 -23.98
CA LEU E 51 17.90 -6.14 -25.43
C LEU E 51 17.68 -7.54 -26.01
N THR E 52 18.52 -8.50 -25.59
CA THR E 52 18.44 -9.86 -26.07
C THR E 52 18.09 -10.79 -24.90
N PRO E 53 17.11 -11.67 -25.06
CA PRO E 53 16.67 -12.50 -23.92
C PRO E 53 17.77 -13.41 -23.39
N VAL E 54 18.20 -13.15 -22.17
CA VAL E 54 19.22 -13.98 -21.52
C VAL E 54 18.61 -15.33 -21.18
N PRO E 55 19.29 -16.45 -21.44
CA PRO E 55 18.72 -17.76 -21.09
C PRO E 55 18.46 -17.87 -19.60
N ALA E 56 17.38 -18.56 -19.26
CA ALA E 56 16.89 -18.64 -17.88
C ALA E 56 17.82 -19.41 -16.96
N SER E 57 18.94 -19.94 -17.46
CA SER E 57 19.87 -20.66 -16.59
C SER E 57 20.49 -19.74 -15.55
N GLU E 58 20.88 -18.53 -15.96
CA GLU E 58 21.57 -17.59 -15.07
C GLU E 58 20.72 -16.37 -14.75
N ASN E 59 19.42 -16.42 -15.04
CA ASN E 59 18.54 -15.30 -14.73
C ASN E 59 18.26 -15.27 -13.24
N PRO E 60 18.63 -14.21 -12.52
CA PRO E 60 18.37 -14.18 -11.07
C PRO E 60 16.90 -14.27 -10.72
N PHE E 61 16.02 -13.70 -11.54
CA PHE E 61 14.58 -13.75 -11.30
C PHE E 61 14.01 -14.92 -12.09
N ARG E 62 13.42 -15.87 -11.38
CA ARG E 62 12.85 -17.06 -12.01
C ARG E 62 11.60 -17.55 -11.28
#